data_1F3U
#
_entry.id   1F3U
#
_cell.length_a   48.015
_cell.length_b   72.290
_cell.length_c   82.266
_cell.angle_alpha   104.51
_cell.angle_beta   93.32
_cell.angle_gamma   104.32
#
_symmetry.space_group_name_H-M   'P 1'
#
loop_
_entity.id
_entity.type
_entity.pdbx_description
1 polymer 'TRANSCRIPTION INITIATION FACTOR IIF, BETA SUBUNIT'
2 polymer 'TRANSCRIPTION INITIATION FACTOR IIF, ALPHA SUBUNIT'
3 water water
#
loop_
_entity_poly.entity_id
_entity_poly.type
_entity_poly.pdbx_seq_one_letter_code
_entity_poly.pdbx_strand_id
1 'polypeptide(L)'
;AERGELDLTGAKQNTGVWLVKVPKYLSQQWAKASGRGEVGKLRIAKTQGRTEVSFTLNEDLANIHDIGGKPASVSAPREH
PFVLQSVGGQTLTVFTESSSDKLSLEGIVVQRAECRPA
;
A,C,E,G
2 'polypeptide(L)'
;AALGPSSQNVTEYVVRVPKNTTKKYNIMAFNAADKVNFATWNQARLERDLSNKKIYQEEEMPESGAGSEFNRKLREEARR
KKYGIVLKEFRPEDQPWLLRVNGKSGRKFKGIKKGGVTENTSYYIFTQCPDGAFEAFPVHNWYNFTPLARHRTLTAEEAE
EEWERRNKVLN
;
B,D,F,H
#
# COMPACT_ATOMS: atom_id res chain seq x y z
N ALA A 1 34.23 29.44 -11.97
CA ALA A 1 33.37 28.90 -10.88
C ALA A 1 34.22 28.35 -9.74
N GLU A 2 34.73 29.23 -8.89
CA GLU A 2 35.54 28.80 -7.76
C GLU A 2 34.72 28.68 -6.49
N ARG A 3 35.30 28.05 -5.47
CA ARG A 3 34.63 27.88 -4.19
C ARG A 3 34.29 29.25 -3.59
N GLY A 4 33.05 29.41 -3.13
CA GLY A 4 32.63 30.66 -2.52
C GLY A 4 32.09 31.71 -3.47
N GLU A 5 32.17 31.45 -4.77
CA GLU A 5 31.67 32.40 -5.74
C GLU A 5 30.19 32.19 -6.08
N LEU A 6 29.48 33.31 -6.27
CA LEU A 6 28.06 33.27 -6.61
C LEU A 6 27.87 33.46 -8.13
N ASP A 7 27.34 32.44 -8.81
CA ASP A 7 27.09 32.52 -10.25
C ASP A 7 25.97 33.53 -10.47
N LEU A 8 26.23 34.54 -11.31
CA LEU A 8 25.26 35.61 -11.53
C LEU A 8 24.41 35.63 -12.80
N THR A 9 24.69 34.73 -13.74
CA THR A 9 23.95 34.67 -15.00
C THR A 9 22.45 34.94 -14.88
N GLY A 10 21.79 34.20 -14.00
CA GLY A 10 20.35 34.35 -13.82
C GLY A 10 19.83 35.76 -13.60
N ALA A 11 20.36 36.42 -12.59
CA ALA A 11 19.92 37.78 -12.25
C ALA A 11 20.09 38.78 -13.39
N LYS A 12 21.28 38.80 -14.00
CA LYS A 12 21.55 39.74 -15.09
C LYS A 12 20.86 39.34 -16.38
N GLN A 13 20.47 38.07 -16.47
CA GLN A 13 19.76 37.60 -17.66
C GLN A 13 18.33 38.06 -17.48
N ASN A 14 18.05 38.55 -16.27
CA ASN A 14 16.72 39.03 -15.90
C ASN A 14 15.68 37.91 -16.05
N THR A 15 16.03 36.72 -15.57
CA THR A 15 15.14 35.57 -15.62
C THR A 15 14.11 35.79 -14.50
N GLY A 16 12.82 35.65 -14.83
CA GLY A 16 11.79 35.88 -13.83
C GLY A 16 11.08 34.67 -13.27
N VAL A 17 10.72 34.75 -12.00
CA VAL A 17 10.02 33.66 -11.33
C VAL A 17 8.85 34.21 -10.52
N TRP A 18 7.94 33.33 -10.12
CA TRP A 18 6.80 33.72 -9.28
C TRP A 18 7.05 33.17 -7.87
N LEU A 19 6.62 33.90 -6.84
CA LEU A 19 6.75 33.46 -5.45
C LEU A 19 5.32 33.26 -4.98
N VAL A 20 4.96 32.03 -4.62
CA VAL A 20 3.58 31.74 -4.26
C VAL A 20 3.36 31.12 -2.88
N LYS A 21 2.42 31.68 -2.11
CA LYS A 21 2.08 31.13 -0.78
C LYS A 21 1.06 29.99 -1.01
N VAL A 22 1.41 28.78 -0.58
CA VAL A 22 0.57 27.60 -0.80
C VAL A 22 0.07 26.93 0.49
N PRO A 23 -1.24 26.61 0.55
CA PRO A 23 -1.82 25.95 1.72
C PRO A 23 -1.13 24.62 1.95
N LYS A 24 -0.90 24.26 3.20
CA LYS A 24 -0.23 23.01 3.50
C LYS A 24 -0.91 21.76 2.95
N TYR A 25 -2.23 21.71 2.97
CA TYR A 25 -2.91 20.51 2.48
C TYR A 25 -2.69 20.33 0.97
N LEU A 26 -2.62 21.44 0.23
CA LEU A 26 -2.41 21.37 -1.22
C LEU A 26 -0.98 20.90 -1.54
N SER A 27 0.02 21.44 -0.84
CA SER A 27 1.39 21.01 -1.07
C SER A 27 1.53 19.54 -0.63
N GLN A 28 0.75 19.12 0.35
CA GLN A 28 0.82 17.72 0.78
C GLN A 28 0.26 16.85 -0.33
N GLN A 29 -0.77 17.34 -1.01
CA GLN A 29 -1.38 16.59 -2.12
C GLN A 29 -0.39 16.51 -3.28
N TRP A 30 0.39 17.58 -3.49
CA TRP A 30 1.38 17.60 -4.57
C TRP A 30 2.44 16.51 -4.35
N ALA A 31 2.67 16.18 -3.08
CA ALA A 31 3.65 15.17 -2.74
C ALA A 31 3.21 13.78 -3.18
N LYS A 32 1.93 13.62 -3.48
CA LYS A 32 1.38 12.33 -3.92
C LYS A 32 1.50 12.10 -5.43
N ALA A 33 2.15 13.04 -6.12
CA ALA A 33 2.33 12.91 -7.55
C ALA A 33 3.24 11.74 -7.87
N SER A 34 3.11 11.20 -9.07
CA SER A 34 3.94 10.09 -9.51
C SER A 34 4.30 10.28 -10.98
N GLY A 35 4.99 9.31 -11.57
CA GLY A 35 5.34 9.42 -12.97
C GLY A 35 6.14 10.68 -13.28
N ARG A 36 5.65 11.51 -14.20
CA ARG A 36 6.36 12.74 -14.58
C ARG A 36 6.40 13.80 -13.50
N GLY A 37 5.57 13.64 -12.48
CA GLY A 37 5.54 14.62 -11.41
C GLY A 37 4.57 15.76 -11.64
N GLU A 38 3.65 15.60 -12.59
CA GLU A 38 2.67 16.68 -12.88
C GLU A 38 1.61 16.72 -11.79
N VAL A 39 1.14 17.92 -11.44
CA VAL A 39 0.13 18.03 -10.38
C VAL A 39 -1.12 18.76 -10.86
N GLY A 40 -1.01 19.45 -11.98
CA GLY A 40 -2.16 20.21 -12.46
C GLY A 40 -1.81 21.33 -13.41
N LYS A 41 -2.67 22.35 -13.46
CA LYS A 41 -2.46 23.46 -14.41
C LYS A 41 -2.68 24.84 -13.78
N LEU A 42 -1.86 25.78 -14.21
CA LEU A 42 -1.96 27.17 -13.75
C LEU A 42 -2.65 27.89 -14.90
N ARG A 43 -3.72 28.63 -14.61
CA ARG A 43 -4.47 29.32 -15.64
C ARG A 43 -4.47 30.82 -15.40
N ILE A 44 -4.15 31.60 -16.45
CA ILE A 44 -4.15 33.06 -16.37
C ILE A 44 -5.16 33.56 -17.42
N ALA A 45 -6.25 34.14 -16.97
CA ALA A 45 -7.29 34.63 -17.87
C ALA A 45 -7.42 36.14 -17.75
N LYS A 46 -7.24 36.82 -18.88
CA LYS A 46 -7.29 38.28 -18.95
C LYS A 46 -8.47 38.83 -19.74
N THR A 47 -9.16 39.78 -19.13
CA THR A 47 -10.29 40.48 -19.76
C THR A 47 -9.91 41.96 -19.72
N GLN A 48 -10.86 42.84 -19.98
CA GLN A 48 -10.56 44.27 -19.96
C GLN A 48 -10.17 44.71 -18.55
N GLY A 49 -8.93 45.16 -18.40
CA GLY A 49 -8.45 45.60 -17.11
C GLY A 49 -8.86 44.68 -15.98
N ARG A 50 -8.56 43.38 -16.14
CA ARG A 50 -8.90 42.40 -15.13
C ARG A 50 -8.19 41.08 -15.43
N THR A 51 -7.57 40.50 -14.41
CA THR A 51 -6.84 39.24 -14.55
C THR A 51 -7.24 38.25 -13.46
N GLU A 52 -7.50 37.01 -13.85
CA GLU A 52 -7.89 35.98 -12.91
C GLU A 52 -6.89 34.83 -13.02
N VAL A 53 -6.20 34.52 -11.92
CA VAL A 53 -5.21 33.44 -11.91
C VAL A 53 -5.69 32.35 -10.99
N SER A 54 -5.52 31.09 -11.41
CA SER A 54 -5.94 29.97 -10.58
C SER A 54 -5.14 28.74 -10.89
N PHE A 55 -5.23 27.76 -9.99
CA PHE A 55 -4.56 26.48 -10.16
C PHE A 55 -5.59 25.37 -9.98
N THR A 56 -5.55 24.37 -10.86
CA THR A 56 -6.50 23.27 -10.76
C THR A 56 -5.72 21.96 -10.77
N LEU A 57 -6.04 21.04 -9.87
CA LEU A 57 -5.32 19.76 -9.83
C LEU A 57 -5.66 18.90 -11.06
N ASN A 58 -4.75 18.00 -11.44
CA ASN A 58 -5.05 17.14 -12.57
C ASN A 58 -5.97 16.00 -12.12
N GLU A 59 -6.48 15.23 -13.08
CA GLU A 59 -7.39 14.15 -12.76
C GLU A 59 -6.85 13.15 -11.74
N ASP A 60 -5.59 12.78 -11.88
CA ASP A 60 -4.99 11.82 -10.95
C ASP A 60 -5.04 12.31 -9.50
N LEU A 61 -4.50 13.50 -9.23
CA LEU A 61 -4.52 14.02 -7.86
C LEU A 61 -5.91 14.42 -7.37
N ALA A 62 -6.81 14.75 -8.29
CA ALA A 62 -8.15 15.15 -7.92
C ALA A 62 -8.93 13.94 -7.41
N ASN A 63 -8.41 12.73 -7.69
CA ASN A 63 -9.08 11.51 -7.28
C ASN A 63 -8.41 10.73 -6.17
N ILE A 64 -7.41 11.32 -5.54
CA ILE A 64 -6.74 10.67 -4.42
C ILE A 64 -7.25 11.39 -3.18
N HIS A 65 -7.96 10.66 -2.32
CA HIS A 65 -8.55 11.28 -1.13
C HIS A 65 -8.02 10.80 0.21
N ASP A 66 -8.24 11.62 1.23
CA ASP A 66 -7.85 11.29 2.59
C ASP A 66 -9.07 10.56 3.15
N ILE A 67 -8.98 10.09 4.38
CA ILE A 67 -10.10 9.37 4.99
C ILE A 67 -11.36 10.24 4.93
N GLY A 68 -12.19 10.00 3.92
CA GLY A 68 -13.41 10.76 3.75
C GLY A 68 -14.14 10.40 2.46
N GLY A 69 -13.42 10.46 1.34
CA GLY A 69 -13.99 10.12 0.05
C GLY A 69 -14.85 11.17 -0.64
N LYS A 70 -14.75 12.41 -0.18
CA LYS A 70 -15.52 13.55 -0.71
C LYS A 70 -17.02 13.31 -0.83
N PRO A 71 -17.81 14.38 -0.71
CA PRO A 71 -19.28 14.34 -0.79
C PRO A 71 -20.01 14.51 -2.13
N ALA A 72 -20.74 15.61 -2.21
CA ALA A 72 -21.60 15.98 -3.34
C ALA A 72 -21.05 16.02 -4.75
N SER A 73 -21.71 15.23 -5.61
CA SER A 73 -21.41 15.13 -7.03
C SER A 73 -20.02 14.59 -7.37
N VAL A 74 -19.02 15.00 -6.60
CA VAL A 74 -17.65 14.57 -6.88
C VAL A 74 -17.29 15.28 -8.19
N SER A 75 -18.10 16.29 -8.51
CA SER A 75 -17.98 17.12 -9.72
C SER A 75 -16.70 17.06 -10.56
N ALA A 76 -16.12 18.23 -10.79
CA ALA A 76 -14.90 18.38 -11.57
C ALA A 76 -13.82 18.91 -10.65
N PRO A 77 -12.55 18.88 -11.08
CA PRO A 77 -11.49 19.39 -10.22
C PRO A 77 -11.81 20.83 -9.80
N ARG A 78 -11.57 21.12 -8.53
CA ARG A 78 -11.85 22.44 -7.96
C ARG A 78 -10.79 23.48 -8.33
N GLU A 79 -11.25 24.69 -8.62
CA GLU A 79 -10.34 25.77 -8.97
C GLU A 79 -9.85 26.46 -7.68
N HIS A 80 -8.54 26.61 -7.54
CA HIS A 80 -7.97 27.29 -6.37
C HIS A 80 -7.57 28.67 -6.85
N PRO A 81 -8.32 29.69 -6.46
CA PRO A 81 -7.97 31.04 -6.91
C PRO A 81 -6.73 31.63 -6.25
N PHE A 82 -6.01 32.44 -7.02
CA PHE A 82 -4.82 33.12 -6.55
C PHE A 82 -5.19 34.55 -6.22
N VAL A 83 -4.64 35.05 -5.13
CA VAL A 83 -4.84 36.44 -4.74
C VAL A 83 -3.49 37.05 -5.06
N LEU A 84 -3.47 37.94 -6.05
CA LEU A 84 -2.22 38.57 -6.47
C LEU A 84 -1.79 39.66 -5.50
N GLN A 85 -0.49 39.71 -5.23
CA GLN A 85 0.07 40.68 -4.30
C GLN A 85 1.21 41.47 -4.96
N SER A 86 1.59 42.59 -4.37
CA SER A 86 2.65 43.42 -4.95
C SER A 86 4.08 43.03 -4.52
N VAL A 87 5.04 43.39 -5.35
CA VAL A 87 6.46 43.11 -5.10
C VAL A 87 7.29 44.39 -5.31
N GLY A 88 6.63 45.44 -5.75
CA GLY A 88 7.30 46.71 -6.02
C GLY A 88 8.16 47.32 -4.92
N GLY A 89 7.71 47.26 -3.68
CA GLY A 89 8.46 47.83 -2.59
C GLY A 89 9.54 46.92 -2.02
N GLN A 90 10.23 46.18 -2.89
CA GLN A 90 11.26 45.26 -2.45
C GLN A 90 11.85 44.49 -3.63
N THR A 91 13.13 44.14 -3.53
CA THR A 91 13.77 43.37 -4.59
C THR A 91 14.01 41.96 -4.05
N LEU A 92 13.29 40.99 -4.60
CA LEU A 92 13.44 39.61 -4.15
C LEU A 92 14.10 38.78 -5.24
N THR A 93 15.19 38.11 -4.90
CA THR A 93 15.89 37.27 -5.86
C THR A 93 15.98 35.87 -5.30
N VAL A 94 16.17 34.89 -6.18
CA VAL A 94 16.27 33.52 -5.75
C VAL A 94 17.68 33.00 -5.95
N PHE A 95 18.25 32.37 -4.93
CA PHE A 95 19.56 31.79 -5.10
C PHE A 95 19.49 30.36 -4.60
N THR A 96 20.18 29.48 -5.29
CA THR A 96 20.19 28.07 -4.95
C THR A 96 21.54 27.61 -4.43
N GLU A 97 21.50 26.56 -3.61
CA GLU A 97 22.71 25.97 -3.06
C GLU A 97 22.57 24.48 -3.38
N SER A 98 23.38 24.01 -4.31
CA SER A 98 23.35 22.61 -4.73
C SER A 98 24.04 21.68 -3.73
N SER A 99 23.88 20.38 -3.95
CA SER A 99 24.49 19.38 -3.06
C SER A 99 26.01 19.50 -3.07
N SER A 100 26.56 20.01 -4.17
CA SER A 100 28.00 20.18 -4.30
C SER A 100 28.48 21.52 -3.76
N ASP A 101 27.59 22.22 -3.06
CA ASP A 101 27.91 23.53 -2.47
C ASP A 101 27.93 24.72 -3.43
N LYS A 102 27.62 24.48 -4.70
CA LYS A 102 27.62 25.55 -5.68
C LYS A 102 26.47 26.54 -5.39
N LEU A 103 26.77 27.83 -5.46
CA LEU A 103 25.76 28.87 -5.21
C LEU A 103 25.50 29.62 -6.49
N SER A 104 24.23 29.84 -6.82
CA SER A 104 23.89 30.55 -8.04
C SER A 104 22.63 31.40 -7.92
N LEU A 105 22.64 32.58 -8.55
CA LEU A 105 21.47 33.45 -8.57
C LEU A 105 20.62 32.99 -9.75
N GLU A 106 19.50 32.34 -9.46
CA GLU A 106 18.63 31.78 -10.49
C GLU A 106 17.67 32.72 -11.21
N GLY A 107 17.22 33.76 -10.52
CA GLY A 107 16.29 34.68 -11.15
C GLY A 107 15.73 35.68 -10.16
N ILE A 108 14.87 36.56 -10.67
CA ILE A 108 14.23 37.59 -9.87
C ILE A 108 12.73 37.37 -9.77
N VAL A 109 12.16 37.64 -8.59
CA VAL A 109 10.73 37.48 -8.38
C VAL A 109 9.95 38.60 -9.06
N VAL A 110 9.18 38.25 -10.09
CA VAL A 110 8.40 39.25 -10.80
C VAL A 110 6.92 39.30 -10.43
N GLN A 111 6.45 38.31 -9.67
CA GLN A 111 5.06 38.27 -9.25
C GLN A 111 4.92 37.47 -7.95
N ARG A 112 4.08 37.96 -7.04
CA ARG A 112 3.80 37.29 -5.77
C ARG A 112 2.30 37.02 -5.72
N ALA A 113 1.93 35.92 -5.09
CA ALA A 113 0.52 35.57 -5.00
C ALA A 113 0.30 34.57 -3.87
N GLU A 114 -0.96 34.44 -3.45
CA GLU A 114 -1.31 33.50 -2.41
C GLU A 114 -2.41 32.60 -2.99
N CYS A 115 -2.16 31.29 -2.96
CA CYS A 115 -3.13 30.32 -3.46
C CYS A 115 -4.13 30.04 -2.33
N ARG A 116 -5.41 30.34 -2.57
CA ARG A 116 -6.44 30.14 -1.56
C ARG A 116 -7.09 28.76 -1.64
N PRO A 117 -7.50 28.21 -0.49
CA PRO A 117 -8.13 26.89 -0.51
C PRO A 117 -9.36 26.95 -1.42
N ALA A 118 -9.74 25.83 -2.02
CA ALA A 118 -10.90 25.82 -2.89
C ALA A 118 -12.18 25.60 -2.09
N GLY B 4 -18.16 34.37 -17.20
CA GLY B 4 -18.48 35.82 -17.05
C GLY B 4 -18.33 36.60 -18.34
N PRO B 5 -17.10 37.07 -18.64
CA PRO B 5 -16.83 37.85 -19.85
C PRO B 5 -17.09 37.06 -21.12
N SER B 6 -17.66 37.72 -22.13
CA SER B 6 -17.95 37.04 -23.41
C SER B 6 -16.68 36.58 -24.09
N SER B 7 -15.59 37.28 -23.86
CA SER B 7 -14.32 36.92 -24.48
C SER B 7 -13.16 37.13 -23.51
N GLN B 8 -12.16 36.25 -23.58
CA GLN B 8 -10.99 36.39 -22.72
C GLN B 8 -9.77 35.71 -23.31
N ASN B 9 -8.58 36.25 -23.02
CA ASN B 9 -7.35 35.69 -23.53
C ASN B 9 -6.79 34.85 -22.40
N VAL B 10 -6.52 33.58 -22.69
CA VAL B 10 -6.07 32.66 -21.66
C VAL B 10 -4.73 32.00 -21.93
N THR B 11 -3.92 31.92 -20.89
CA THR B 11 -2.63 31.26 -20.97
C THR B 11 -2.67 30.19 -19.89
N GLU B 12 -2.33 28.95 -20.25
CA GLU B 12 -2.35 27.85 -19.29
C GLU B 12 -1.00 27.13 -19.30
N TYR B 13 -0.57 26.66 -18.12
CA TYR B 13 0.71 25.98 -18.01
C TYR B 13 0.62 24.71 -17.17
N VAL B 14 1.25 23.63 -17.64
CA VAL B 14 1.31 22.42 -16.84
C VAL B 14 2.25 22.76 -15.67
N VAL B 15 1.96 22.23 -14.47
CA VAL B 15 2.79 22.46 -13.31
C VAL B 15 3.32 21.11 -12.82
N ARG B 16 4.63 21.01 -12.64
CA ARG B 16 5.27 19.80 -12.08
C ARG B 16 5.86 20.19 -10.73
N VAL B 17 5.91 19.25 -9.78
CA VAL B 17 6.51 19.53 -8.48
C VAL B 17 7.53 18.41 -8.28
N PRO B 18 8.77 18.66 -8.71
CA PRO B 18 9.82 17.64 -8.58
C PRO B 18 10.17 17.22 -7.16
N LYS B 19 10.47 15.93 -7.00
CA LYS B 19 10.88 15.37 -5.71
C LYS B 19 12.39 15.26 -5.78
N ASN B 20 12.87 15.17 -7.02
CA ASN B 20 14.28 15.08 -7.34
C ASN B 20 14.81 16.50 -7.42
N THR B 21 15.66 16.86 -6.47
CA THR B 21 16.23 18.19 -6.47
C THR B 21 17.50 18.19 -5.63
N THR B 22 18.64 18.32 -6.30
CA THR B 22 19.90 18.38 -5.59
C THR B 22 20.15 19.82 -5.21
N LYS B 23 19.15 20.66 -5.44
CA LYS B 23 19.24 22.09 -5.13
C LYS B 23 18.21 22.56 -4.11
N LYS B 24 18.62 23.49 -3.26
CA LYS B 24 17.72 24.07 -2.28
C LYS B 24 17.48 25.49 -2.81
N TYR B 25 16.24 25.97 -2.79
CA TYR B 25 15.93 27.32 -3.28
C TYR B 25 15.73 28.28 -2.13
N ASN B 26 16.44 29.41 -2.17
CA ASN B 26 16.35 30.39 -1.11
C ASN B 26 16.00 31.76 -1.64
N ILE B 27 15.51 32.64 -0.76
CA ILE B 27 15.17 33.99 -1.15
C ILE B 27 16.23 34.94 -0.58
N MET B 28 16.71 35.83 -1.43
CA MET B 28 17.70 36.87 -1.06
C MET B 28 16.92 38.16 -1.28
N ALA B 29 16.55 38.84 -0.19
CA ALA B 29 15.77 40.06 -0.31
C ALA B 29 16.53 41.34 0.00
N PHE B 30 16.37 42.35 -0.85
CA PHE B 30 17.01 43.64 -0.62
C PHE B 30 15.96 44.72 -0.39
N ASN B 31 16.28 45.68 0.45
CA ASN B 31 15.36 46.77 0.73
C ASN B 31 15.43 47.77 -0.42
N ALA B 32 14.27 48.27 -0.83
CA ALA B 32 14.23 49.24 -1.94
C ALA B 32 15.14 50.44 -1.70
N ALA B 33 15.27 50.86 -0.44
CA ALA B 33 16.09 52.02 -0.10
C ALA B 33 17.58 51.86 -0.44
N ASP B 34 18.07 50.62 -0.45
CA ASP B 34 19.47 50.36 -0.75
C ASP B 34 19.75 50.32 -2.26
N LYS B 35 18.70 50.50 -3.04
CA LYS B 35 18.78 50.52 -4.51
C LYS B 35 19.82 49.59 -5.12
N VAL B 36 19.57 48.28 -5.01
CA VAL B 36 20.50 47.30 -5.55
C VAL B 36 20.25 47.10 -7.05
N ASN B 37 21.31 47.23 -7.85
CA ASN B 37 21.22 47.05 -9.30
C ASN B 37 22.21 45.98 -9.76
N PHE B 38 21.68 44.86 -10.22
CA PHE B 38 22.51 43.75 -10.66
C PHE B 38 23.37 43.99 -11.90
N ALA B 39 22.98 44.97 -12.73
CA ALA B 39 23.75 45.27 -13.93
C ALA B 39 25.17 45.68 -13.58
N THR B 40 25.33 46.26 -12.39
CA THR B 40 26.65 46.70 -11.93
C THR B 40 27.49 45.57 -11.32
N TRP B 41 26.88 44.41 -11.13
CA TRP B 41 27.59 43.26 -10.57
C TRP B 41 28.44 42.55 -11.62
N ASN B 42 29.75 42.58 -11.44
CA ASN B 42 30.66 41.93 -12.36
C ASN B 42 31.06 40.57 -11.80
N GLN B 43 31.13 40.50 -10.47
CA GLN B 43 31.49 39.27 -9.76
C GLN B 43 30.94 39.37 -8.34
N ALA B 44 30.79 38.22 -7.67
CA ALA B 44 30.28 38.24 -6.31
C ALA B 44 30.63 36.96 -5.56
N ARG B 45 30.86 37.10 -4.25
CA ARG B 45 31.16 35.96 -3.40
C ARG B 45 30.04 35.90 -2.36
N LEU B 46 29.66 34.68 -1.96
CA LEU B 46 28.62 34.51 -0.95
C LEU B 46 29.12 33.40 -0.04
N GLU B 47 29.46 33.77 1.20
CA GLU B 47 30.00 32.82 2.15
C GLU B 47 29.40 32.99 3.54
N ARG B 48 29.35 31.89 4.30
CA ARG B 48 28.82 31.93 5.66
C ARG B 48 29.83 32.67 6.52
N ASP B 49 29.34 33.64 7.29
CA ASP B 49 30.20 34.42 8.20
C ASP B 49 30.34 33.64 9.52
N LEU B 50 31.56 33.16 9.79
CA LEU B 50 31.81 32.37 10.99
C LEU B 50 32.51 33.16 12.09
N SER B 51 32.39 34.48 12.04
CA SER B 51 33.05 35.34 13.01
C SER B 51 32.67 35.09 14.48
N ASN B 52 31.43 34.70 14.72
CA ASN B 52 30.97 34.44 16.09
C ASN B 52 31.48 33.15 16.71
N LYS B 53 32.02 32.26 15.88
CA LYS B 53 32.52 30.98 16.37
C LYS B 53 33.48 31.12 17.57
N LYS B 54 34.36 32.12 17.51
CA LYS B 54 35.32 32.32 18.59
C LYS B 54 35.07 33.58 19.43
N ILE B 55 33.80 33.94 19.62
CA ILE B 55 33.44 35.10 20.42
C ILE B 55 32.80 34.61 21.72
N TYR B 56 33.41 34.96 22.84
CA TYR B 56 32.88 34.53 24.14
C TYR B 56 31.81 35.45 24.71
N GLN B 57 30.82 34.85 25.35
CA GLN B 57 29.73 35.59 25.96
C GLN B 57 29.62 35.21 27.43
N GLU B 58 29.28 36.18 28.27
CA GLU B 58 29.17 35.97 29.71
C GLU B 58 27.82 35.38 30.11
N GLU B 59 27.86 34.21 30.73
CA GLU B 59 26.66 33.49 31.16
C GLU B 59 26.69 33.39 32.69
N GLU B 60 25.56 33.66 33.36
CA GLU B 60 25.55 33.54 34.81
C GLU B 60 25.51 32.05 35.13
N MET B 61 26.00 31.67 36.30
CA MET B 61 26.01 30.28 36.69
C MET B 61 24.71 29.89 37.37
N ARG B 72 25.42 28.12 51.70
CA ARG B 72 24.21 28.81 51.28
C ARG B 72 24.12 30.18 51.96
N LYS B 73 23.60 31.17 51.24
CA LYS B 73 23.46 32.52 51.77
C LYS B 73 22.02 32.98 51.54
N LEU B 74 21.60 34.00 52.27
CA LEU B 74 20.24 34.51 52.09
C LEU B 74 20.19 35.21 50.73
N ARG B 75 19.16 34.93 49.95
CA ARG B 75 19.01 35.50 48.60
C ARG B 75 19.26 37.00 48.54
N GLU B 76 18.82 37.71 49.57
CA GLU B 76 18.98 39.16 49.60
C GLU B 76 20.36 39.57 50.08
N GLU B 77 21.21 38.57 50.23
CA GLU B 77 22.59 38.76 50.66
C GLU B 77 23.49 38.37 49.50
N ALA B 78 22.88 37.78 48.47
CA ALA B 78 23.61 37.34 47.29
C ALA B 78 23.27 38.19 46.07
N ARG B 79 23.25 39.50 46.23
CA ARG B 79 22.95 40.42 45.13
C ARG B 79 23.97 40.23 44.01
N ARG B 80 25.23 40.08 44.38
CA ARG B 80 26.31 39.89 43.42
C ARG B 80 26.28 38.45 42.90
N LYS B 81 25.87 38.28 41.65
CA LYS B 81 25.81 36.94 41.06
C LYS B 81 27.19 36.53 40.52
N LYS B 82 27.33 35.25 40.18
CA LYS B 82 28.58 34.72 39.65
C LYS B 82 28.44 34.45 38.17
N TYR B 83 29.47 34.78 37.40
CA TYR B 83 29.44 34.59 35.96
C TYR B 83 30.58 33.73 35.44
N GLY B 84 30.33 33.09 34.31
CA GLY B 84 31.32 32.27 33.65
C GLY B 84 31.25 32.69 32.20
N ILE B 85 31.89 31.96 31.30
CA ILE B 85 31.83 32.31 29.88
C ILE B 85 31.59 31.06 29.06
N VAL B 86 30.77 31.18 28.01
CA VAL B 86 30.46 30.04 27.17
C VAL B 86 30.77 30.21 25.70
N LEU B 87 31.12 29.10 25.06
CA LEU B 87 31.41 29.06 23.63
C LEU B 87 30.20 28.30 23.08
N LYS B 88 29.18 29.06 22.68
CA LYS B 88 27.93 28.52 22.16
C LYS B 88 28.06 27.40 21.13
N GLU B 89 26.95 26.69 20.92
CA GLU B 89 26.90 25.61 19.95
C GLU B 89 26.88 26.24 18.56
N PHE B 90 27.88 25.89 17.75
CA PHE B 90 28.02 26.43 16.41
C PHE B 90 27.11 25.82 15.36
N ARG B 91 26.01 26.49 15.05
CA ARG B 91 25.10 26.00 14.02
C ARG B 91 25.35 26.84 12.77
N PRO B 92 26.22 26.36 11.87
CA PRO B 92 26.56 27.04 10.62
C PRO B 92 25.35 27.44 9.79
N GLU B 93 24.22 26.82 10.11
CA GLU B 93 22.98 27.10 9.39
C GLU B 93 22.40 28.46 9.73
N ASP B 94 22.46 28.84 11.00
CA ASP B 94 21.92 30.14 11.41
C ASP B 94 22.96 31.24 11.47
N GLN B 95 24.12 30.96 10.88
CA GLN B 95 25.18 31.96 10.82
C GLN B 95 24.74 32.85 9.68
N PRO B 96 24.96 34.16 9.78
CA PRO B 96 24.52 34.98 8.66
C PRO B 96 25.35 34.74 7.40
N TRP B 97 24.89 35.27 6.28
CA TRP B 97 25.61 35.17 5.02
C TRP B 97 26.32 36.50 4.82
N LEU B 98 27.46 36.48 4.13
CA LEU B 98 28.15 37.71 3.82
C LEU B 98 28.25 37.74 2.30
N LEU B 99 27.64 38.75 1.69
CA LEU B 99 27.66 38.89 0.24
C LEU B 99 28.61 40.04 -0.09
N ARG B 100 29.65 39.73 -0.88
CA ARG B 100 30.62 40.76 -1.28
C ARG B 100 30.62 40.91 -2.79
N VAL B 101 30.18 42.07 -3.26
CA VAL B 101 30.10 42.35 -4.68
C VAL B 101 31.27 43.17 -5.22
N ASN B 102 31.75 42.78 -6.40
CA ASN B 102 32.84 43.46 -7.08
C ASN B 102 34.12 43.73 -6.29
N GLY B 103 34.75 42.67 -5.81
CA GLY B 103 36.01 42.81 -5.09
C GLY B 103 36.04 43.56 -3.77
N LYS B 104 37.25 43.89 -3.35
CA LYS B 104 37.47 44.58 -2.08
C LYS B 104 36.92 46.00 -2.00
N SER B 105 36.76 46.68 -3.12
CA SER B 105 36.24 48.05 -3.09
C SER B 105 34.75 48.14 -3.38
N GLY B 106 34.10 47.00 -3.60
CA GLY B 106 32.68 47.01 -3.88
C GLY B 106 31.78 46.93 -2.66
N ARG B 107 30.48 46.86 -2.89
CA ARG B 107 29.50 46.80 -1.82
C ARG B 107 29.53 45.46 -1.10
N LYS B 108 29.11 45.47 0.16
CA LYS B 108 29.06 44.28 1.00
C LYS B 108 27.76 44.25 1.77
N PHE B 109 27.10 43.10 1.79
CA PHE B 109 25.83 42.95 2.49
C PHE B 109 25.88 41.77 3.46
N LYS B 110 25.13 41.87 4.56
CA LYS B 110 25.05 40.80 5.54
C LYS B 110 23.64 40.23 5.41
N GLY B 111 23.53 38.91 5.32
CA GLY B 111 22.23 38.25 5.19
C GLY B 111 21.76 37.58 6.46
N ILE B 112 20.60 38.03 6.95
CA ILE B 112 19.99 37.52 8.18
C ILE B 112 18.67 36.80 7.90
N LYS B 113 18.54 35.59 8.42
CA LYS B 113 17.33 34.80 8.22
C LYS B 113 16.07 35.41 8.84
N LYS B 114 15.01 35.45 8.05
CA LYS B 114 13.70 35.98 8.45
C LYS B 114 13.02 34.87 9.28
N GLY B 115 12.49 35.21 10.45
CA GLY B 115 11.88 34.18 11.28
C GLY B 115 10.43 34.17 11.75
N GLY B 116 9.54 34.94 11.13
CA GLY B 116 8.14 34.88 11.54
C GLY B 116 7.67 33.54 10.99
N VAL B 117 8.06 32.47 11.69
CA VAL B 117 7.79 31.10 11.28
C VAL B 117 6.39 30.49 11.24
N THR B 118 6.15 29.84 10.10
CA THR B 118 4.95 29.08 9.71
C THR B 118 3.60 29.19 10.43
N GLU B 119 2.58 28.74 9.70
CA GLU B 119 1.18 28.68 10.14
C GLU B 119 0.64 27.44 9.42
N ASN B 120 -0.26 27.66 8.46
CA ASN B 120 -0.84 26.56 7.69
C ASN B 120 -0.51 26.71 6.21
N THR B 121 0.60 27.38 5.92
CA THR B 121 1.02 27.62 4.54
C THR B 121 2.55 27.72 4.47
N SER B 122 3.09 27.69 3.25
CA SER B 122 4.52 27.82 3.04
C SER B 122 4.74 28.35 1.63
N TYR B 123 5.91 28.95 1.39
CA TYR B 123 6.21 29.52 0.08
C TYR B 123 6.87 28.59 -0.92
N TYR B 124 6.51 28.77 -2.19
CA TYR B 124 7.06 28.01 -3.29
C TYR B 124 7.52 28.97 -4.39
N ILE B 125 8.60 28.57 -5.06
CA ILE B 125 9.11 29.34 -6.18
C ILE B 125 8.63 28.61 -7.45
N PHE B 126 7.99 29.34 -8.37
CA PHE B 126 7.54 28.77 -9.65
C PHE B 126 8.50 29.26 -10.74
N THR B 127 9.20 28.35 -11.39
CA THR B 127 10.15 28.73 -12.44
C THR B 127 9.77 28.05 -13.76
N GLN B 128 9.89 28.75 -14.89
CA GLN B 128 9.50 28.13 -16.16
C GLN B 128 10.61 27.27 -16.75
N CYS B 129 10.21 26.13 -17.31
CA CYS B 129 11.13 25.18 -17.91
C CYS B 129 11.16 25.30 -19.42
N PRO B 130 12.19 24.72 -20.06
CA PRO B 130 12.33 24.77 -21.52
C PRO B 130 11.08 24.29 -22.26
N ASP B 131 10.40 23.27 -21.72
CA ASP B 131 9.21 22.75 -22.39
C ASP B 131 7.98 23.64 -22.19
N GLY B 132 8.14 24.70 -21.40
CA GLY B 132 7.03 25.62 -21.18
C GLY B 132 6.28 25.41 -19.88
N ALA B 133 6.49 24.27 -19.24
CA ALA B 133 5.80 24.00 -17.99
C ALA B 133 6.43 24.76 -16.83
N PHE B 134 5.69 24.89 -15.73
CA PHE B 134 6.28 25.51 -14.55
C PHE B 134 6.68 24.38 -13.62
N GLU B 135 7.78 24.56 -12.90
CA GLU B 135 8.18 23.61 -11.87
C GLU B 135 8.19 24.43 -10.59
N ALA B 136 7.60 23.86 -9.54
CA ALA B 136 7.48 24.54 -8.26
C ALA B 136 8.40 23.89 -7.24
N PHE B 137 9.16 24.70 -6.51
CA PHE B 137 10.08 24.21 -5.48
C PHE B 137 9.81 24.95 -4.18
N PRO B 138 9.86 24.25 -3.04
CA PRO B 138 9.60 24.96 -1.78
C PRO B 138 10.76 25.88 -1.43
N VAL B 139 10.46 26.99 -0.76
CA VAL B 139 11.52 27.90 -0.34
C VAL B 139 12.15 27.26 0.90
N HIS B 140 13.47 27.13 0.88
CA HIS B 140 14.19 26.52 2.01
C HIS B 140 14.34 27.58 3.12
N ASN B 141 14.99 28.69 2.79
CA ASN B 141 15.16 29.80 3.73
C ASN B 141 15.01 31.17 3.06
N TRP B 142 14.65 32.16 3.87
CA TRP B 142 14.43 33.53 3.40
C TRP B 142 15.37 34.48 4.14
N TYR B 143 16.26 35.13 3.40
CA TYR B 143 17.22 36.06 4.01
C TYR B 143 17.03 37.52 3.61
N ASN B 144 17.14 38.40 4.60
CA ASN B 144 17.04 39.83 4.35
C ASN B 144 18.49 40.32 4.29
N PHE B 145 18.87 40.91 3.16
CA PHE B 145 20.23 41.39 2.99
C PHE B 145 20.28 42.92 3.03
N THR B 146 21.17 43.46 3.87
CA THR B 146 21.34 44.90 3.98
C THR B 146 22.82 45.27 4.09
N PRO B 147 23.19 46.49 3.67
CA PRO B 147 24.59 46.95 3.73
C PRO B 147 25.25 46.65 5.07
N LEU B 148 26.48 46.13 5.00
CA LEU B 148 27.23 45.76 6.17
C LEU B 148 27.35 46.94 7.13
N ALA B 149 27.40 48.14 6.58
CA ALA B 149 27.53 49.35 7.38
C ALA B 149 26.35 49.57 8.34
N ARG B 150 25.23 48.90 8.10
CA ARG B 150 24.07 49.06 8.97
C ARG B 150 24.13 48.13 10.17
N HIS B 151 25.14 47.25 10.18
CA HIS B 151 25.31 46.29 11.26
C HIS B 151 26.44 46.70 12.20
N ARG B 152 26.21 46.52 13.50
CA ARG B 152 27.21 46.87 14.50
C ARG B 152 27.47 45.71 15.45
N ALA C 1 18.24 4.83 13.39
CA ALA C 1 19.23 3.77 13.75
C ALA C 1 19.91 4.13 15.08
N GLU C 2 20.57 5.28 15.11
CA GLU C 2 21.23 5.73 16.32
C GLU C 2 20.17 5.87 17.40
N ARG C 3 20.26 5.04 18.43
CA ARG C 3 19.30 5.09 19.53
C ARG C 3 18.97 6.52 19.91
N GLY C 4 17.77 6.73 20.45
CA GLY C 4 17.37 8.06 20.86
C GLY C 4 16.75 8.88 19.74
N GLU C 5 17.02 8.48 18.49
CA GLU C 5 16.49 9.20 17.35
C GLU C 5 15.04 8.82 17.05
N LEU C 6 14.16 9.82 17.09
CA LEU C 6 12.75 9.60 16.83
C LEU C 6 12.51 9.55 15.33
N ASP C 7 12.41 8.34 14.79
CA ASP C 7 12.18 8.15 13.36
C ASP C 7 10.95 8.95 12.94
N LEU C 8 11.20 10.12 12.35
CA LEU C 8 10.13 11.02 11.93
C LEU C 8 9.52 10.69 10.57
N THR C 9 9.65 9.46 10.11
CA THR C 9 9.10 9.06 8.82
C THR C 9 7.59 9.29 8.75
N GLY C 10 6.87 8.71 9.70
CA GLY C 10 5.43 8.84 9.74
C GLY C 10 4.91 10.27 9.62
N ALA C 11 5.63 11.21 10.23
CA ALA C 11 5.23 12.61 10.18
C ALA C 11 5.79 13.33 8.95
N LYS C 12 6.87 12.80 8.39
CA LYS C 12 7.48 13.42 7.21
C LYS C 12 6.68 13.15 5.93
N GLN C 13 6.04 11.99 5.86
CA GLN C 13 5.22 11.67 4.70
C GLN C 13 3.81 12.06 5.08
N ASN C 14 3.72 12.80 6.18
CA ASN C 14 2.49 13.34 6.74
C ASN C 14 1.31 12.37 6.87
N THR C 15 1.56 11.19 7.41
CA THR C 15 0.48 10.22 7.60
C THR C 15 -0.45 10.72 8.70
N GLY C 16 -1.76 10.61 8.47
CA GLY C 16 -2.72 11.05 9.45
C GLY C 16 -3.51 9.93 10.08
N VAL C 17 -3.88 10.08 11.34
CA VAL C 17 -4.65 9.04 12.03
C VAL C 17 -5.85 9.68 12.78
N TRP C 18 -6.74 8.82 13.26
CA TRP C 18 -7.91 9.27 14.03
C TRP C 18 -7.75 8.84 15.49
N LEU C 19 -8.21 9.68 16.41
CA LEU C 19 -8.15 9.36 17.83
C LEU C 19 -9.62 9.21 18.23
N VAL C 20 -9.99 8.00 18.63
CA VAL C 20 -11.37 7.71 18.98
C VAL C 20 -11.61 7.18 20.39
N LYS C 21 -12.55 7.80 21.10
CA LYS C 21 -12.92 7.34 22.44
C LYS C 21 -13.95 6.25 22.22
N VAL C 22 -13.66 5.06 22.72
CA VAL C 22 -14.51 3.89 22.54
C VAL C 22 -15.13 3.36 23.84
N PRO C 23 -16.44 3.03 23.84
CA PRO C 23 -17.07 2.52 25.07
C PRO C 23 -16.38 1.22 25.43
N LYS C 24 -16.18 0.97 26.72
CA LYS C 24 -15.49 -0.24 27.15
C LYS C 24 -16.17 -1.53 26.70
N TYR C 25 -17.51 -1.53 26.66
CA TYR C 25 -18.24 -2.74 26.25
C TYR C 25 -17.95 -3.10 24.79
N LEU C 26 -17.85 -2.09 23.94
CA LEU C 26 -17.57 -2.35 22.53
C LEU C 26 -16.14 -2.89 22.34
N SER C 27 -15.16 -2.26 22.98
CA SER C 27 -13.79 -2.75 22.82
C SER C 27 -13.66 -4.16 23.38
N GLN C 28 -14.54 -4.52 24.32
CA GLN C 28 -14.51 -5.87 24.89
C GLN C 28 -14.98 -6.89 23.86
N GLN C 29 -15.90 -6.49 22.99
CA GLN C 29 -16.40 -7.40 21.97
C GLN C 29 -15.31 -7.58 20.93
N TRP C 30 -14.64 -6.48 20.58
CA TRP C 30 -13.55 -6.52 19.62
C TRP C 30 -12.52 -7.55 20.04
N ALA C 31 -12.32 -7.66 21.36
CA ALA C 31 -11.36 -8.60 21.93
C ALA C 31 -11.64 -10.04 21.52
N LYS C 32 -12.90 -10.34 21.22
CA LYS C 32 -13.28 -11.69 20.81
C LYS C 32 -13.04 -11.95 19.34
N ALA C 33 -12.38 -11.00 18.66
CA ALA C 33 -12.10 -11.13 17.24
C ALA C 33 -11.12 -12.27 16.96
N SER C 34 -11.26 -12.89 15.79
CA SER C 34 -10.41 -13.99 15.36
C SER C 34 -10.14 -13.82 13.87
N GLY C 35 -10.05 -14.94 13.14
CA GLY C 35 -9.81 -14.86 11.71
C GLY C 35 -8.75 -13.83 11.34
N ARG C 36 -9.11 -12.87 10.50
CA ARG C 36 -8.17 -11.83 10.10
C ARG C 36 -8.15 -10.68 11.10
N GLY C 37 -8.93 -10.82 12.17
CA GLY C 37 -8.98 -9.77 13.18
C GLY C 37 -10.01 -8.71 12.89
N GLU C 38 -10.92 -8.98 11.96
CA GLU C 38 -11.96 -8.03 11.57
C GLU C 38 -13.05 -7.93 12.65
N VAL C 39 -13.53 -6.72 12.90
CA VAL C 39 -14.57 -6.52 13.91
C VAL C 39 -15.83 -5.83 13.38
N GLY C 40 -15.71 -5.15 12.24
CA GLY C 40 -16.87 -4.46 11.70
C GLY C 40 -16.55 -3.48 10.57
N LYS C 41 -17.41 -2.48 10.42
CA LYS C 41 -17.29 -1.46 9.37
C LYS C 41 -17.43 -0.02 9.84
N LEU C 42 -16.58 0.86 9.33
CA LEU C 42 -16.66 2.28 9.64
C LEU C 42 -17.31 2.88 8.41
N ARG C 43 -18.43 3.57 8.63
CA ARG C 43 -19.20 4.16 7.54
C ARG C 43 -19.18 5.68 7.56
N ILE C 44 -18.93 6.29 6.40
CA ILE C 44 -18.93 7.73 6.30
C ILE C 44 -19.89 8.10 5.18
N ALA C 45 -21.03 8.68 5.56
CA ALA C 45 -22.08 9.06 4.62
C ALA C 45 -22.15 10.57 4.47
N LYS C 46 -22.05 11.06 3.24
CA LYS C 46 -22.07 12.50 3.03
C LYS C 46 -23.15 13.03 2.11
N THR C 47 -23.59 14.24 2.42
CA THR C 47 -24.59 14.96 1.62
C THR C 47 -24.04 16.38 1.70
N GLN C 48 -24.54 17.29 0.87
CA GLN C 48 -24.05 18.66 0.96
C GLN C 48 -24.50 19.21 2.30
N GLY C 49 -23.55 19.72 3.07
CA GLY C 49 -23.88 20.29 4.36
C GLY C 49 -23.79 19.38 5.57
N ARG C 50 -23.89 18.06 5.37
CA ARG C 50 -23.82 17.15 6.51
C ARG C 50 -23.05 15.85 6.27
N THR C 51 -22.29 15.45 7.28
CA THR C 51 -21.51 14.22 7.23
C THR C 51 -21.89 13.37 8.44
N GLU C 52 -22.15 12.08 8.21
CA GLU C 52 -22.52 11.15 9.27
C GLU C 52 -21.50 10.03 9.32
N VAL C 53 -20.85 9.85 10.46
CA VAL C 53 -19.85 8.79 10.62
C VAL C 53 -20.38 7.83 11.67
N SER C 54 -20.22 6.53 11.43
CA SER C 54 -20.68 5.55 12.40
C SER C 54 -19.92 4.23 12.29
N PHE C 55 -20.03 3.40 13.32
CA PHE C 55 -19.37 2.09 13.33
C PHE C 55 -20.40 1.03 13.63
N THR C 56 -20.35 -0.08 12.91
CA THR C 56 -21.29 -1.17 13.14
C THR C 56 -20.52 -2.49 13.24
N LEU C 57 -20.83 -3.28 14.26
CA LEU C 57 -20.16 -4.56 14.43
C LEU C 57 -20.58 -5.52 13.32
N ASN C 58 -19.72 -6.48 12.98
CA ASN C 58 -20.08 -7.45 11.95
C ASN C 58 -21.01 -8.50 12.55
N GLU C 59 -21.48 -9.42 11.71
CA GLU C 59 -22.39 -10.49 12.13
C GLU C 59 -21.86 -11.34 13.27
N ASP C 60 -20.78 -12.04 12.99
CA ASP C 60 -20.15 -12.94 13.95
C ASP C 60 -19.89 -12.36 15.34
N LEU C 61 -19.44 -11.11 15.41
CA LEU C 61 -19.21 -10.49 16.72
C LEU C 61 -20.52 -10.02 17.35
N ALA C 62 -21.44 -9.56 16.50
CA ALA C 62 -22.73 -9.08 16.96
C ALA C 62 -23.58 -10.22 17.51
N ASN C 63 -23.26 -11.44 17.11
CA ASN C 63 -24.02 -12.60 17.55
C ASN C 63 -23.28 -13.48 18.56
N ILE C 64 -22.54 -12.84 19.46
CA ILE C 64 -21.81 -13.56 20.49
C ILE C 64 -22.24 -13.04 21.86
N HIS C 65 -22.91 -13.90 22.61
CA HIS C 65 -23.37 -13.55 23.94
C HIS C 65 -22.95 -14.63 24.91
N ASP C 66 -22.82 -14.28 26.18
CA ASP C 66 -22.45 -15.27 27.19
C ASP C 66 -23.72 -15.68 27.90
N ILE C 67 -23.60 -16.68 28.76
CA ILE C 67 -24.74 -17.22 29.51
C ILE C 67 -25.89 -16.22 29.70
N GLY C 68 -27.08 -16.62 29.25
CA GLY C 68 -28.26 -15.77 29.37
C GLY C 68 -28.32 -14.72 28.29
N GLY C 69 -27.20 -14.55 27.59
CA GLY C 69 -27.10 -13.57 26.53
C GLY C 69 -28.18 -13.48 25.47
N LYS C 70 -28.55 -14.61 24.89
CA LYS C 70 -29.56 -14.63 23.83
C LYS C 70 -30.67 -13.57 23.96
N PRO C 71 -30.84 -12.76 22.92
CA PRO C 71 -31.84 -11.69 22.86
C PRO C 71 -33.29 -12.16 22.90
N ALA C 72 -34.17 -11.28 23.36
CA ALA C 72 -35.59 -11.57 23.45
C ALA C 72 -36.22 -11.13 22.13
N SER C 73 -35.86 -9.92 21.70
CA SER C 73 -36.36 -9.35 20.46
C SER C 73 -35.18 -9.13 19.52
N VAL C 74 -34.83 -10.18 18.77
CA VAL C 74 -33.71 -10.11 17.82
C VAL C 74 -34.05 -9.10 16.75
N SER C 75 -33.05 -8.31 16.31
CA SER C 75 -33.32 -7.32 15.28
C SER C 75 -32.12 -6.68 14.58
N ALA C 76 -31.63 -5.58 15.15
CA ALA C 76 -30.54 -4.82 14.53
C ALA C 76 -29.13 -4.85 15.12
N PRO C 77 -28.12 -4.73 14.23
CA PRO C 77 -26.68 -4.70 14.52
C PRO C 77 -26.32 -3.24 14.75
N ARG C 78 -26.72 -2.74 15.92
CA ARG C 78 -26.50 -1.36 16.36
C ARG C 78 -25.46 -0.53 15.62
N GLU C 79 -25.89 0.64 15.17
CA GLU C 79 -25.01 1.56 14.48
C GLU C 79 -24.53 2.57 15.53
N HIS C 80 -23.23 2.53 15.83
CA HIS C 80 -22.65 3.44 16.81
C HIS C 80 -22.24 4.76 16.14
N PRO C 81 -23.00 5.83 16.41
CA PRO C 81 -22.66 7.11 15.79
C PRO C 81 -21.41 7.75 16.40
N PHE C 82 -20.67 8.47 15.58
CA PHE C 82 -19.48 9.17 16.02
C PHE C 82 -19.84 10.64 16.22
N VAL C 83 -19.31 11.23 17.28
CA VAL C 83 -19.53 12.65 17.51
C VAL C 83 -18.16 13.24 17.18
N LEU C 84 -18.09 14.03 16.10
CA LEU C 84 -16.83 14.62 15.71
C LEU C 84 -16.50 15.78 16.64
N GLN C 85 -15.22 15.88 17.01
CA GLN C 85 -14.80 16.94 17.91
C GLN C 85 -13.54 17.58 17.37
N SER C 86 -13.25 18.80 17.82
CA SER C 86 -12.04 19.47 17.37
C SER C 86 -10.86 19.07 18.23
N VAL C 87 -9.69 19.01 17.60
CA VAL C 87 -8.46 18.67 18.29
C VAL C 87 -7.65 19.97 18.25
N GLY C 88 -8.37 21.07 18.11
CA GLY C 88 -7.78 22.39 18.02
C GLY C 88 -6.94 22.91 19.19
N GLY C 89 -7.53 22.96 20.38
CA GLY C 89 -6.81 23.44 21.55
C GLY C 89 -5.41 22.89 21.77
N GLN C 90 -4.96 22.02 20.87
CA GLN C 90 -3.64 21.42 21.01
C GLN C 90 -3.26 20.61 19.76
N THR C 91 -2.01 20.13 19.75
CA THR C 91 -1.51 19.32 18.63
C THR C 91 -1.20 17.92 19.16
N LEU C 92 -1.84 16.91 18.59
CA LEU C 92 -1.61 15.54 19.02
C LEU C 92 -0.93 14.71 17.95
N THR C 93 0.04 13.90 18.37
CA THR C 93 0.77 13.03 17.46
C THR C 93 0.88 11.67 18.11
N VAL C 94 1.12 10.65 17.30
CA VAL C 94 1.24 9.29 17.80
C VAL C 94 2.68 8.81 17.63
N PHE C 95 3.26 8.26 18.70
CA PHE C 95 4.60 7.70 18.61
C PHE C 95 4.55 6.28 19.14
N THR C 96 5.27 5.38 18.51
CA THR C 96 5.27 4.00 18.94
C THR C 96 6.63 3.52 19.43
N GLU C 97 6.61 2.49 20.27
CA GLU C 97 7.83 1.90 20.80
C GLU C 97 7.70 0.39 20.56
N SER C 98 8.47 -0.11 19.60
CA SER C 98 8.45 -1.53 19.25
C SER C 98 9.05 -2.43 20.33
N SER C 99 8.87 -3.74 20.15
CA SER C 99 9.39 -4.72 21.09
C SER C 99 10.90 -4.82 20.92
N SER C 100 11.39 -4.33 19.78
CA SER C 100 12.82 -4.35 19.49
C SER C 100 13.44 -3.11 20.15
N ASP C 101 12.59 -2.10 20.37
CA ASP C 101 12.96 -0.84 21.03
C ASP C 101 13.07 0.45 20.20
N LYS C 102 12.61 0.44 18.96
CA LYS C 102 12.71 1.66 18.15
C LYS C 102 11.55 2.62 18.38
N LEU C 103 11.86 3.92 18.34
CA LEU C 103 10.87 4.98 18.54
C LEU C 103 10.58 5.67 17.21
N SER C 104 9.30 5.92 16.95
CA SER C 104 8.92 6.57 15.69
C SER C 104 7.58 7.30 15.73
N LEU C 105 7.53 8.46 15.12
CA LEU C 105 6.31 9.26 15.04
C LEU C 105 5.52 8.81 13.81
N GLU C 106 4.70 7.78 14.01
CA GLU C 106 3.91 7.21 12.92
C GLU C 106 2.76 8.06 12.37
N GLY C 107 2.31 9.05 13.13
CA GLY C 107 1.22 9.87 12.61
C GLY C 107 0.72 11.01 13.46
N ILE C 108 0.06 11.95 12.79
CA ILE C 108 -0.53 13.14 13.40
C ILE C 108 -2.04 12.95 13.47
N VAL C 109 -2.63 13.19 14.65
CA VAL C 109 -4.06 13.06 14.80
C VAL C 109 -4.76 14.12 13.94
N VAL C 110 -5.39 13.68 12.87
CA VAL C 110 -6.09 14.59 11.97
C VAL C 110 -7.57 14.72 12.31
N GLN C 111 -8.05 13.81 13.14
CA GLN C 111 -9.46 13.85 13.52
C GLN C 111 -9.70 13.20 14.88
N ARG C 112 -10.53 13.85 15.69
CA ARG C 112 -10.87 13.32 17.00
C ARG C 112 -12.37 13.06 16.98
N ALA C 113 -12.78 11.97 17.61
CA ALA C 113 -14.19 11.66 17.64
C ALA C 113 -14.50 10.75 18.81
N GLU C 114 -15.77 10.75 19.21
CA GLU C 114 -16.21 9.87 20.28
C GLU C 114 -17.23 8.90 19.70
N CYS C 115 -16.99 7.61 19.90
CA CYS C 115 -17.90 6.58 19.44
C CYS C 115 -18.94 6.43 20.56
N ARG C 116 -20.15 6.93 20.32
CA ARG C 116 -21.21 6.89 21.32
C ARG C 116 -21.87 5.53 21.46
N PRO C 117 -22.18 5.12 22.70
CA PRO C 117 -22.82 3.83 22.90
C PRO C 117 -24.18 3.88 22.22
N ALA C 118 -24.72 2.73 21.83
CA ALA C 118 -26.01 2.70 21.18
C ALA C 118 -26.67 1.34 21.30
N SER D 6 -32.01 13.38 -0.47
CA SER D 6 -32.47 11.97 -0.67
C SER D 6 -31.41 11.16 -1.41
N SER D 7 -30.18 11.70 -1.39
CA SER D 7 -29.03 11.07 -2.06
C SER D 7 -27.77 11.22 -1.18
N GLN D 8 -27.09 10.11 -0.96
CA GLN D 8 -25.89 10.12 -0.12
C GLN D 8 -24.70 9.41 -0.75
N ASN D 9 -23.51 10.00 -0.58
CA ASN D 9 -22.30 9.37 -1.08
C ASN D 9 -21.71 8.66 0.14
N VAL D 10 -21.45 7.37 -0.01
CA VAL D 10 -20.96 6.58 1.11
C VAL D 10 -19.61 5.90 0.90
N THR D 11 -18.77 5.96 1.92
CA THR D 11 -17.49 5.30 1.90
C THR D 11 -17.47 4.39 3.12
N GLU D 12 -17.19 3.11 2.92
CA GLU D 12 -17.16 2.16 4.03
C GLU D 12 -15.82 1.45 4.11
N TYR D 13 -15.30 1.28 5.33
CA TYR D 13 -14.02 0.63 5.55
C TYR D 13 -14.12 -0.53 6.54
N VAL D 14 -13.38 -1.60 6.27
CA VAL D 14 -13.34 -2.73 7.18
C VAL D 14 -12.43 -2.28 8.32
N VAL D 15 -12.75 -2.71 9.54
CA VAL D 15 -11.95 -2.37 10.70
C VAL D 15 -11.41 -3.63 11.35
N ARG D 16 -10.10 -3.66 11.59
CA ARG D 16 -9.47 -4.81 12.25
C ARG D 16 -8.88 -4.34 13.56
N VAL D 17 -8.87 -5.23 14.55
CA VAL D 17 -8.30 -4.95 15.86
C VAL D 17 -7.32 -6.08 16.13
N PRO D 18 -6.09 -5.95 15.61
CA PRO D 18 -4.99 -6.92 15.73
C PRO D 18 -4.53 -7.25 17.14
N LYS D 19 -4.53 -8.54 17.47
CA LYS D 19 -4.05 -8.98 18.76
C LYS D 19 -2.54 -9.09 18.56
N ASN D 20 -2.16 -9.22 17.29
CA ASN D 20 -0.75 -9.29 16.94
C ASN D 20 -0.29 -7.83 16.96
N THR D 21 0.96 -7.61 17.36
CA THR D 21 1.49 -6.27 17.42
C THR D 21 2.83 -6.25 18.12
N THR D 22 3.80 -5.62 17.49
CA THR D 22 5.14 -5.49 18.04
C THR D 22 5.34 -4.06 18.49
N LYS D 23 4.24 -3.30 18.56
CA LYS D 23 4.32 -1.91 18.97
C LYS D 23 3.31 -1.48 20.03
N LYS D 24 3.65 -0.41 20.73
CA LYS D 24 2.80 0.17 21.74
C LYS D 24 2.52 1.56 21.16
N TYR D 25 1.27 1.98 21.13
CA TYR D 25 0.94 3.30 20.58
C TYR D 25 0.66 4.30 21.69
N ASN D 26 1.38 5.41 21.64
CA ASN D 26 1.24 6.45 22.64
C ASN D 26 0.89 7.80 22.02
N ILE D 27 0.34 8.69 22.82
CA ILE D 27 0.00 10.02 22.36
C ILE D 27 1.02 11.03 22.89
N MET D 28 1.45 11.93 22.00
CA MET D 28 2.40 12.99 22.32
C MET D 28 1.57 14.27 22.09
N ALA D 29 1.21 14.95 23.17
CA ALA D 29 0.39 16.16 23.08
C ALA D 29 1.09 17.46 23.40
N PHE D 30 0.88 18.47 22.55
CA PHE D 30 1.48 19.79 22.75
C PHE D 30 0.40 20.85 22.89
N ASN D 31 0.66 21.83 23.75
CA ASN D 31 -0.29 22.90 23.99
C ASN D 31 -0.22 23.91 22.84
N ALA D 32 -1.37 24.43 22.44
CA ALA D 32 -1.45 25.40 21.35
C ALA D 32 -0.60 26.65 21.62
N ALA D 33 -0.46 27.02 22.89
CA ALA D 33 0.31 28.20 23.26
C ALA D 33 1.79 28.07 22.97
N ASP D 34 2.30 26.84 22.97
CA ASP D 34 3.71 26.62 22.71
C ASP D 34 4.03 26.54 21.22
N LYS D 35 2.99 26.66 20.41
CA LYS D 35 3.11 26.63 18.95
C LYS D 35 4.17 25.67 18.41
N VAL D 36 3.83 24.39 18.38
CA VAL D 36 4.75 23.39 17.88
C VAL D 36 4.45 23.11 16.40
N ASN D 37 5.48 23.17 15.57
CA ASN D 37 5.34 22.95 14.14
C ASN D 37 6.46 22.02 13.67
N PHE D 38 6.12 20.76 13.42
CA PHE D 38 7.08 19.75 13.00
C PHE D 38 7.89 20.09 11.75
N ALA D 39 7.33 20.94 10.89
CA ALA D 39 8.02 21.33 9.66
C ALA D 39 9.45 21.76 9.96
N THR D 40 9.64 22.46 11.08
CA THR D 40 10.95 22.94 11.47
C THR D 40 11.85 21.82 11.99
N TRP D 41 11.24 20.70 12.35
CA TRP D 41 11.99 19.54 12.84
C TRP D 41 12.79 18.92 11.69
N ASN D 42 13.95 18.36 12.00
CA ASN D 42 14.80 17.71 11.00
C ASN D 42 15.35 16.43 11.61
N GLN D 43 15.66 16.50 12.90
CA GLN D 43 16.15 15.37 13.67
C GLN D 43 15.59 15.53 15.08
N ALA D 44 15.29 14.41 15.73
CA ALA D 44 14.74 14.48 17.07
C ALA D 44 15.22 13.34 17.95
N ARG D 45 15.44 13.64 19.22
CA ARG D 45 15.88 12.65 20.18
C ARG D 45 14.87 12.51 21.30
N LEU D 46 14.29 11.32 21.44
CA LEU D 46 13.32 11.07 22.50
C LEU D 46 13.91 10.02 23.41
N GLU D 47 14.22 10.44 24.63
CA GLU D 47 14.81 9.54 25.61
C GLU D 47 14.18 9.74 26.97
N ARG D 48 14.15 8.67 27.77
CA ARG D 48 13.59 8.71 29.11
C ARG D 48 14.44 9.57 30.03
N ASP D 49 13.83 10.10 31.08
CA ASP D 49 14.52 10.95 32.04
C ASP D 49 14.68 10.16 33.35
N LEU D 50 15.92 9.83 33.68
CA LEU D 50 16.19 9.07 34.90
C LEU D 50 16.86 9.90 36.00
N SER D 51 16.78 11.21 35.88
CA SER D 51 17.37 12.10 36.88
C SER D 51 16.93 11.67 38.28
N ASN D 52 15.66 11.29 38.39
CA ASN D 52 15.09 10.85 39.67
C ASN D 52 14.92 9.34 39.69
N LYS D 53 16.02 8.62 39.49
CA LYS D 53 16.00 7.17 39.49
C LYS D 53 15.69 6.72 40.92
N LYS D 54 16.55 7.14 41.85
CA LYS D 54 16.37 6.79 43.25
C LYS D 54 15.74 7.95 44.02
N ILE D 55 15.20 7.64 45.19
CA ILE D 55 14.58 8.62 46.06
C ILE D 55 14.50 8.05 47.46
N TYR D 56 15.06 8.77 48.43
CA TYR D 56 15.02 8.33 49.82
C TYR D 56 13.98 9.14 50.55
N GLN D 57 13.01 8.45 51.14
CA GLN D 57 11.96 9.13 51.87
C GLN D 57 12.00 8.70 53.33
N GLU D 58 11.80 9.65 54.24
CA GLU D 58 11.82 9.33 55.65
C GLU D 58 10.59 8.47 55.97
N GLU D 59 10.75 7.50 56.85
CA GLU D 59 9.65 6.61 57.26
C GLU D 59 9.69 6.40 58.76
N GLU D 60 8.52 6.43 59.41
CA GLU D 60 8.46 6.26 60.86
C GLU D 60 8.93 4.87 61.30
N MET D 61 9.66 4.79 62.41
CA MET D 61 10.15 3.50 62.91
C MET D 61 8.98 2.68 63.47
N PRO D 62 9.02 1.36 63.27
CA PRO D 62 7.99 0.43 63.74
C PRO D 62 8.00 0.28 65.26
N ARG D 72 8.66 -2.00 78.17
CA ARG D 72 8.39 -1.12 77.04
C ARG D 72 8.44 0.34 77.47
N LYS D 73 8.01 1.20 76.56
CA LYS D 73 7.98 2.63 76.81
C LYS D 73 6.69 3.17 76.18
N LEU D 74 6.25 4.33 76.66
CA LEU D 74 5.06 4.96 76.12
C LEU D 74 5.38 5.40 74.69
N ARG D 75 4.36 5.46 73.85
CA ARG D 75 4.55 5.90 72.47
C ARG D 75 5.05 7.34 72.58
N GLU D 76 5.97 7.71 71.68
CA GLU D 76 6.52 9.07 71.70
C GLU D 76 5.53 10.14 71.27
N GLU D 77 5.70 11.34 71.79
CA GLU D 77 4.86 12.46 71.36
C GLU D 77 5.35 12.73 69.94
N ALA D 78 4.52 13.38 69.13
CA ALA D 78 4.87 13.65 67.73
C ALA D 78 6.22 14.35 67.59
N ARG D 79 6.50 15.28 68.51
CA ARG D 79 7.74 16.04 68.44
C ARG D 79 8.99 15.20 68.62
N ARG D 80 8.82 13.97 69.11
CA ARG D 80 9.96 13.07 69.32
C ARG D 80 9.86 11.72 68.63
N LYS D 81 8.97 11.60 67.65
CA LYS D 81 8.86 10.35 66.92
C LYS D 81 10.19 10.01 66.25
N LYS D 82 10.47 8.72 66.13
CA LYS D 82 11.70 8.24 65.52
C LYS D 82 11.48 7.79 64.08
N TYR D 83 12.45 8.08 63.22
CA TYR D 83 12.38 7.74 61.81
C TYR D 83 13.63 7.08 61.24
N GLY D 84 13.42 6.39 60.13
CA GLY D 84 14.49 5.75 59.41
C GLY D 84 14.24 6.20 57.99
N ILE D 85 14.80 5.52 57.00
CA ILE D 85 14.57 5.88 55.61
C ILE D 85 14.29 4.66 54.74
N VAL D 86 13.63 4.91 53.61
CA VAL D 86 13.28 3.86 52.66
C VAL D 86 13.59 4.30 51.23
N LEU D 87 14.19 3.41 50.46
CA LEU D 87 14.51 3.71 49.07
C LEU D 87 13.28 3.40 48.24
N LYS D 88 12.86 4.36 47.43
CA LYS D 88 11.71 4.15 46.59
C LYS D 88 12.15 4.11 45.14
N GLU D 89 11.72 3.05 44.44
CA GLU D 89 12.05 2.81 43.04
C GLU D 89 10.94 3.30 42.12
N PHE D 90 11.26 4.18 41.20
CA PHE D 90 10.28 4.70 40.25
C PHE D 90 10.09 3.69 39.13
N ARG D 91 8.85 3.44 38.75
CA ARG D 91 8.57 2.51 37.66
C ARG D 91 9.27 3.04 36.41
N PRO D 92 10.05 2.20 35.72
CA PRO D 92 10.72 2.71 34.52
C PRO D 92 9.73 3.38 33.59
N GLU D 93 8.50 2.89 33.60
CA GLU D 93 7.43 3.42 32.77
C GLU D 93 6.81 4.68 33.37
N ASP D 94 7.26 5.04 34.58
CA ASP D 94 6.74 6.23 35.25
C ASP D 94 7.76 7.37 35.25
N GLN D 95 8.66 7.34 34.27
CA GLN D 95 9.68 8.37 34.14
C GLN D 95 9.26 9.32 33.03
N PRO D 96 9.58 10.62 33.18
CA PRO D 96 9.21 11.58 32.13
C PRO D 96 10.02 11.37 30.86
N TRP D 97 9.47 11.77 29.72
CA TRP D 97 10.18 11.67 28.46
C TRP D 97 10.84 13.01 28.23
N LEU D 98 11.97 13.00 27.53
CA LEU D 98 12.68 14.22 27.23
C LEU D 98 12.87 14.32 25.73
N LEU D 99 12.25 15.33 25.13
CA LEU D 99 12.32 15.55 23.70
C LEU D 99 13.24 16.71 23.32
N ARG D 100 14.33 16.40 22.63
CA ARG D 100 15.26 17.44 22.18
C ARG D 100 15.20 17.50 20.66
N VAL D 101 14.70 18.61 20.13
CA VAL D 101 14.58 18.80 18.69
C VAL D 101 15.72 19.63 18.09
N ASN D 102 16.27 19.10 17.00
CA ASN D 102 17.36 19.74 16.26
C ASN D 102 18.67 19.93 17.02
N GLY D 103 19.25 18.82 17.46
CA GLY D 103 20.52 18.87 18.15
C GLY D 103 20.57 19.24 19.62
N LYS D 104 21.31 20.29 19.92
CA LYS D 104 21.51 20.77 21.28
C LYS D 104 21.21 22.27 21.40
N SER D 105 21.04 22.92 20.26
CA SER D 105 20.78 24.35 20.23
C SER D 105 19.28 24.68 20.37
N GLY D 106 18.47 23.95 19.62
CA GLY D 106 17.02 24.18 19.62
C GLY D 106 16.15 23.71 20.75
N ARG D 107 14.85 23.68 20.45
CA ARG D 107 13.78 23.29 21.37
C ARG D 107 13.98 22.00 22.15
N LYS D 108 13.45 22.00 23.38
CA LYS D 108 13.53 20.86 24.28
C LYS D 108 12.22 20.80 25.06
N PHE D 109 11.59 19.63 25.08
CA PHE D 109 10.32 19.46 25.78
C PHE D 109 10.38 18.32 26.79
N LYS D 110 9.56 18.42 27.83
CA LYS D 110 9.47 17.39 28.85
C LYS D 110 8.05 16.81 28.79
N GLY D 111 7.95 15.50 28.63
CA GLY D 111 6.64 14.88 28.55
C GLY D 111 6.22 14.15 29.82
N ILE D 112 5.12 14.61 30.42
CA ILE D 112 4.61 14.01 31.65
C ILE D 112 3.37 13.18 31.36
N LYS D 113 3.37 11.95 31.85
CA LYS D 113 2.25 11.04 31.64
C LYS D 113 0.94 11.53 32.24
N LYS D 114 -0.13 11.43 31.46
CA LYS D 114 -1.46 11.83 31.89
C LYS D 114 -2.00 10.90 32.96
N GLY D 115 -2.53 11.49 34.04
CA GLY D 115 -3.11 10.71 35.11
C GLY D 115 -4.54 10.35 34.74
N GLY D 116 -4.86 9.05 34.75
CA GLY D 116 -6.21 8.65 34.39
C GLY D 116 -6.74 7.45 35.14
N VAL D 117 -8.07 7.35 35.22
CA VAL D 117 -8.72 6.25 35.90
C VAL D 117 -9.12 5.20 34.87
N THR D 118 -9.56 4.03 35.34
CA THR D 118 -10.02 2.97 34.46
C THR D 118 -11.51 3.25 34.41
N GLU D 119 -11.99 3.77 33.28
CA GLU D 119 -13.39 4.11 33.17
C GLU D 119 -14.15 3.16 32.26
N ASN D 120 -15.25 3.68 31.72
CA ASN D 120 -16.11 2.95 30.82
C ASN D 120 -15.80 3.29 29.37
N THR D 121 -14.69 3.98 29.16
CA THR D 121 -14.26 4.36 27.83
C THR D 121 -12.75 4.44 27.83
N SER D 122 -12.15 4.24 26.67
CA SER D 122 -10.72 4.34 26.55
C SER D 122 -10.43 4.78 25.11
N TYR D 123 -9.25 5.34 24.88
CA TYR D 123 -8.92 5.80 23.53
C TYR D 123 -8.23 4.76 22.62
N TYR D 124 -8.58 4.79 21.35
CA TYR D 124 -8.00 3.91 20.34
C TYR D 124 -7.48 4.76 19.19
N ILE D 125 -6.39 4.31 18.59
CA ILE D 125 -5.81 5.00 17.44
C ILE D 125 -6.27 4.21 16.21
N PHE D 126 -6.88 4.89 15.26
CA PHE D 126 -7.36 4.27 14.03
C PHE D 126 -6.37 4.66 12.93
N THR D 127 -5.69 3.66 12.37
CA THR D 127 -4.70 3.89 11.32
C THR D 127 -5.09 3.16 10.03
N GLN D 128 -4.85 3.83 8.92
CA GLN D 128 -5.18 3.28 7.60
C GLN D 128 -4.07 2.39 7.05
N CYS D 129 -4.45 1.21 6.57
CA CYS D 129 -3.50 0.27 5.99
C CYS D 129 -3.49 0.40 4.48
N PRO D 130 -2.42 -0.10 3.84
CA PRO D 130 -2.30 -0.02 2.38
C PRO D 130 -3.47 -0.73 1.69
N ASP D 131 -3.91 -1.85 2.24
CA ASP D 131 -5.02 -2.61 1.67
C ASP D 131 -6.31 -1.79 1.73
N GLY D 132 -6.26 -0.66 2.41
CA GLY D 132 -7.42 0.20 2.51
C GLY D 132 -8.26 0.13 3.77
N ALA D 133 -8.08 -0.92 4.56
CA ALA D 133 -8.86 -1.09 5.79
C ALA D 133 -8.23 -0.39 7.00
N PHE D 134 -9.03 -0.15 8.02
CA PHE D 134 -8.53 0.50 9.22
C PHE D 134 -8.14 -0.52 10.27
N GLU D 135 -7.07 -0.22 11.00
CA GLU D 135 -6.62 -1.05 12.10
C GLU D 135 -6.65 -0.15 13.33
N ALA D 136 -7.24 -0.64 14.40
CA ALA D 136 -7.33 0.14 15.63
C ALA D 136 -6.46 -0.47 16.71
N PHE D 137 -5.77 0.38 17.46
CA PHE D 137 -4.91 -0.07 18.55
C PHE D 137 -5.20 0.78 19.78
N PRO D 138 -5.13 0.18 20.98
CA PRO D 138 -5.39 0.93 22.20
C PRO D 138 -4.26 1.89 22.53
N VAL D 139 -4.61 3.09 23.00
CA VAL D 139 -3.59 4.07 23.37
C VAL D 139 -2.96 3.55 24.66
N HIS D 140 -1.67 3.28 24.62
CA HIS D 140 -0.95 2.76 25.78
C HIS D 140 -0.80 3.87 26.82
N ASN D 141 -0.09 4.93 26.46
CA ASN D 141 0.09 6.05 27.38
C ASN D 141 -0.15 7.37 26.65
N TRP D 142 -0.53 8.38 27.42
CA TRP D 142 -0.80 9.71 26.90
C TRP D 142 0.12 10.68 27.64
N TYR D 143 0.99 11.37 26.90
CA TYR D 143 1.91 12.31 27.51
C TYR D 143 1.69 13.75 27.05
N ASN D 144 1.77 14.69 27.99
CA ASN D 144 1.64 16.09 27.68
C ASN D 144 3.05 16.64 27.66
N PHE D 145 3.45 17.24 26.53
CA PHE D 145 4.78 17.82 26.37
C PHE D 145 4.75 19.36 26.38
N THR D 146 5.65 19.96 27.14
CA THR D 146 5.74 21.42 27.20
C THR D 146 7.20 21.86 27.25
N PRO D 147 7.50 23.10 26.79
CA PRO D 147 8.87 23.61 26.81
C PRO D 147 9.59 23.34 28.14
N LEU D 148 10.84 22.92 28.06
CA LEU D 148 11.61 22.61 29.26
C LEU D 148 11.75 23.82 30.17
N ALA D 149 11.68 25.01 29.57
CA ALA D 149 11.79 26.26 30.33
C ALA D 149 10.65 26.40 31.35
N ARG D 150 9.57 25.65 31.15
CA ARG D 150 8.43 25.69 32.08
C ARG D 150 8.66 24.72 33.23
N HIS D 151 9.68 23.88 33.08
CA HIS D 151 10.02 22.88 34.08
C HIS D 151 11.27 23.26 34.86
N ARG D 152 11.32 22.86 36.12
CA ARG D 152 12.47 23.16 36.97
C ARG D 152 12.98 21.91 37.67
N THR D 153 14.27 21.87 37.95
CA THR D 153 14.88 20.73 38.64
C THR D 153 13.97 20.30 39.78
N LEU D 154 13.47 19.07 39.71
CA LEU D 154 12.59 18.56 40.74
C LEU D 154 13.23 18.55 42.13
N THR D 155 12.53 19.15 43.09
CA THR D 155 13.02 19.20 44.46
C THR D 155 12.62 17.89 45.13
N ALA D 156 13.28 17.55 46.23
CA ALA D 156 12.97 16.31 46.94
C ALA D 156 11.46 16.18 47.17
N GLU D 157 10.83 17.26 47.59
CA GLU D 157 9.39 17.27 47.85
C GLU D 157 8.58 16.86 46.63
N GLU D 158 8.84 17.51 45.50
CA GLU D 158 8.12 17.23 44.26
C GLU D 158 8.38 15.81 43.77
N ALA D 159 9.63 15.39 43.83
CA ALA D 159 10.00 14.04 43.40
C ALA D 159 9.20 13.02 44.21
N GLU D 160 9.14 13.22 45.53
CA GLU D 160 8.41 12.31 46.40
C GLU D 160 6.92 12.34 46.04
N GLU D 161 6.41 13.53 45.81
CA GLU D 161 5.01 13.71 45.47
C GLU D 161 4.70 13.02 44.15
N GLU D 162 5.69 12.98 43.26
CA GLU D 162 5.53 12.35 41.95
C GLU D 162 5.47 10.83 42.09
N TRP D 163 6.44 10.26 42.82
CA TRP D 163 6.49 8.82 43.00
C TRP D 163 5.15 8.31 43.52
N GLU D 164 4.55 9.08 44.41
CA GLU D 164 3.27 8.70 45.00
C GLU D 164 2.15 8.71 43.99
N ARG D 165 2.00 9.82 43.27
CA ARG D 165 0.95 9.94 42.26
C ARG D 165 0.91 8.67 41.41
N ARG D 166 2.05 8.37 40.80
CA ARG D 166 2.21 7.22 39.92
C ARG D 166 1.91 5.85 40.50
N ASN D 167 2.15 5.67 41.80
CA ASN D 167 1.91 4.37 42.42
C ASN D 167 0.83 4.43 43.50
N ALA E 1 -8.12 15.00 -27.22
CA ALA E 1 -8.32 14.24 -28.49
C ALA E 1 -9.77 13.84 -28.68
N GLU E 2 -10.16 13.58 -29.92
CA GLU E 2 -11.53 13.18 -30.18
C GLU E 2 -11.69 11.68 -29.98
N ARG E 3 -12.94 11.25 -30.00
CA ARG E 3 -13.24 9.82 -29.82
C ARG E 3 -12.58 9.06 -30.97
N GLY E 4 -11.86 7.99 -30.61
CA GLY E 4 -11.23 7.17 -31.63
C GLY E 4 -9.86 7.62 -32.06
N GLU E 5 -9.39 8.76 -31.52
CA GLU E 5 -8.07 9.26 -31.88
C GLU E 5 -6.99 8.72 -30.96
N LEU E 6 -5.80 8.49 -31.51
CA LEU E 6 -4.68 8.01 -30.72
C LEU E 6 -3.83 9.24 -30.40
N ASP E 7 -3.73 9.60 -29.12
CA ASP E 7 -2.93 10.75 -28.70
C ASP E 7 -1.45 10.37 -28.94
N LEU E 8 -0.71 11.22 -29.66
CA LEU E 8 0.68 10.89 -29.99
C LEU E 8 1.76 11.62 -29.20
N THR E 9 1.37 12.41 -28.22
CA THR E 9 2.32 13.17 -27.44
C THR E 9 3.48 12.35 -26.90
N GLY E 10 3.16 11.38 -26.04
CA GLY E 10 4.17 10.52 -25.45
C GLY E 10 5.30 10.12 -26.38
N ALA E 11 4.96 9.73 -27.59
CA ALA E 11 5.96 9.31 -28.56
C ALA E 11 6.58 10.49 -29.32
N LYS E 12 5.79 11.54 -29.52
CA LYS E 12 6.28 12.73 -30.22
C LYS E 12 7.47 13.36 -29.51
N GLN E 13 7.58 13.11 -28.21
CA GLN E 13 8.71 13.63 -27.43
C GLN E 13 9.67 12.52 -27.05
N ASN E 14 9.66 11.46 -27.87
CA ASN E 14 10.53 10.29 -27.70
C ASN E 14 10.75 9.80 -26.27
N THR E 15 9.64 9.51 -25.59
CA THR E 15 9.70 9.01 -24.23
C THR E 15 10.13 7.54 -24.31
N GLY E 16 11.22 7.20 -23.66
CA GLY E 16 11.72 5.83 -23.72
C GLY E 16 11.34 5.00 -22.51
N VAL E 17 11.05 3.72 -22.74
CA VAL E 17 10.68 2.81 -21.65
C VAL E 17 11.43 1.49 -21.86
N TRP E 18 11.40 0.63 -20.86
CA TRP E 18 12.06 -0.68 -20.96
C TRP E 18 11.00 -1.76 -20.99
N LEU E 19 11.27 -2.86 -21.69
CA LEU E 19 10.32 -3.98 -21.76
C LEU E 19 11.07 -5.11 -21.08
N VAL E 20 10.52 -5.61 -19.98
CA VAL E 20 11.20 -6.63 -19.19
C VAL E 20 10.38 -7.90 -18.97
N LYS E 21 10.98 -9.05 -19.27
CA LYS E 21 10.33 -10.35 -19.07
C LYS E 21 10.63 -10.70 -17.60
N VAL E 22 9.60 -11.06 -16.83
CA VAL E 22 9.75 -11.30 -15.41
C VAL E 22 9.25 -12.71 -15.06
N PRO E 23 9.96 -13.43 -14.17
CA PRO E 23 9.46 -14.78 -13.84
C PRO E 23 8.10 -14.68 -13.16
N LYS E 24 7.20 -15.62 -13.46
CA LYS E 24 5.90 -15.59 -12.83
C LYS E 24 5.92 -15.60 -11.29
N TYR E 25 6.85 -16.35 -10.66
CA TYR E 25 6.88 -16.34 -9.20
C TYR E 25 7.22 -14.97 -8.63
N LEU E 26 8.01 -14.19 -9.37
CA LEU E 26 8.43 -12.87 -8.91
C LEU E 26 7.27 -11.87 -9.04
N SER E 27 6.55 -11.91 -10.16
CA SER E 27 5.43 -11.00 -10.37
C SER E 27 4.34 -11.33 -9.36
N GLN E 28 4.23 -12.60 -8.99
CA GLN E 28 3.24 -13.01 -8.01
C GLN E 28 3.61 -12.39 -6.67
N GLN E 29 4.92 -12.33 -6.37
CA GLN E 29 5.36 -11.75 -5.12
C GLN E 29 5.08 -10.25 -5.14
N TRP E 30 5.27 -9.61 -6.30
CA TRP E 30 5.00 -8.18 -6.43
C TRP E 30 3.53 -7.84 -6.17
N ALA E 31 2.63 -8.74 -6.51
CA ALA E 31 1.20 -8.52 -6.31
C ALA E 31 0.88 -8.40 -4.83
N LYS E 32 1.84 -8.76 -3.99
CA LYS E 32 1.64 -8.70 -2.54
C LYS E 32 1.90 -7.28 -2.00
N ALA E 33 2.47 -6.42 -2.83
CA ALA E 33 2.75 -5.03 -2.44
C ALA E 33 1.49 -4.20 -2.63
N SER E 34 1.04 -3.52 -1.59
CA SER E 34 -0.18 -2.74 -1.69
C SER E 34 -0.02 -1.26 -2.06
N GLY E 35 -1.10 -0.69 -2.59
CA GLY E 35 -1.15 0.71 -2.98
C GLY E 35 -0.05 1.25 -3.87
N ARG E 36 0.75 2.15 -3.31
CA ARG E 36 1.87 2.76 -4.04
C ARG E 36 2.72 1.69 -4.68
N GLY E 37 2.86 0.57 -3.98
CA GLY E 37 3.60 -0.57 -4.53
C GLY E 37 5.11 -0.73 -4.56
N GLU E 38 5.85 -0.22 -3.57
CA GLU E 38 7.30 -0.45 -3.60
C GLU E 38 7.55 -1.95 -3.46
N VAL E 39 8.39 -2.49 -4.35
CA VAL E 39 8.68 -3.92 -4.30
C VAL E 39 10.16 -4.25 -4.09
N GLY E 40 11.03 -3.30 -4.36
CA GLY E 40 12.44 -3.59 -4.18
C GLY E 40 13.31 -2.59 -4.89
N LYS E 41 14.46 -3.05 -5.37
CA LYS E 41 15.39 -2.13 -6.02
C LYS E 41 16.09 -2.65 -7.23
N LEU E 42 16.38 -1.74 -8.16
CA LEU E 42 17.13 -2.10 -9.35
C LEU E 42 18.55 -1.61 -9.12
N ARG E 43 19.54 -2.46 -9.38
CA ARG E 43 20.93 -2.08 -9.20
C ARG E 43 21.60 -2.05 -10.56
N ILE E 44 22.28 -0.94 -10.86
CA ILE E 44 22.96 -0.81 -12.14
C ILE E 44 24.44 -0.57 -11.85
N ALA E 45 25.28 -1.52 -12.25
CA ALA E 45 26.72 -1.44 -12.00
C ALA E 45 27.47 -1.30 -13.33
N LYS E 46 28.36 -0.31 -13.39
CA LYS E 46 29.09 -0.09 -14.62
C LYS E 46 30.60 -0.25 -14.46
N THR E 47 31.11 -1.29 -15.11
CA THR E 47 32.54 -1.56 -15.11
C THR E 47 32.98 -1.09 -16.49
N GLN E 48 34.27 -0.85 -16.69
CA GLN E 48 34.70 -0.40 -18.00
C GLN E 48 34.45 -1.51 -19.01
N GLY E 49 33.49 -1.27 -19.90
CA GLY E 49 33.15 -2.25 -20.92
C GLY E 49 32.04 -3.19 -20.51
N ARG E 50 31.46 -2.98 -19.32
CA ARG E 50 30.40 -3.84 -18.83
C ARG E 50 29.37 -3.10 -17.99
N THR E 51 28.10 -3.47 -18.15
CA THR E 51 27.01 -2.88 -17.39
C THR E 51 26.14 -4.04 -16.94
N GLU E 52 26.04 -4.20 -15.62
CA GLU E 52 25.26 -5.27 -15.01
C GLU E 52 24.03 -4.68 -14.32
N VAL E 53 22.85 -5.21 -14.63
CA VAL E 53 21.61 -4.73 -14.03
C VAL E 53 20.99 -5.92 -13.30
N SER E 54 20.43 -5.68 -12.13
CA SER E 54 19.79 -6.77 -11.38
C SER E 54 18.64 -6.22 -10.54
N PHE E 55 17.74 -7.11 -10.11
CA PHE E 55 16.63 -6.68 -9.26
C PHE E 55 16.65 -7.49 -7.96
N THR E 56 16.36 -6.82 -6.85
CA THR E 56 16.30 -7.49 -5.54
C THR E 56 15.06 -7.03 -4.77
N LEU E 57 14.30 -7.97 -4.22
CA LEU E 57 13.10 -7.62 -3.44
C LEU E 57 13.46 -6.93 -2.14
N ASN E 58 12.57 -6.05 -1.65
CA ASN E 58 12.84 -5.44 -0.36
C ASN E 58 12.60 -6.55 0.68
N GLU E 59 13.25 -6.42 1.83
CA GLU E 59 13.16 -7.44 2.88
C GLU E 59 11.78 -7.80 3.38
N ASP E 60 10.89 -6.81 3.51
CA ASP E 60 9.53 -7.09 3.96
C ASP E 60 8.79 -8.02 3.01
N LEU E 61 8.83 -7.71 1.71
CA LEU E 61 8.16 -8.55 0.72
C LEU E 61 8.81 -9.92 0.61
N ALA E 62 10.13 -9.97 0.71
CA ALA E 62 10.84 -11.26 0.59
C ALA E 62 10.52 -12.17 1.76
N ASN E 63 10.16 -11.59 2.90
CA ASN E 63 9.85 -12.39 4.09
C ASN E 63 8.44 -12.95 4.16
N ILE E 64 7.62 -12.68 3.16
CA ILE E 64 6.26 -13.22 3.14
C ILE E 64 6.32 -14.59 2.47
N HIS E 65 5.84 -15.63 3.16
CA HIS E 65 5.91 -16.97 2.58
C HIS E 65 4.57 -17.69 2.63
N ASP E 66 4.41 -18.70 1.78
CA ASP E 66 3.20 -19.51 1.73
C ASP E 66 3.16 -20.40 2.98
N ILE E 67 2.02 -21.04 3.19
CA ILE E 67 1.87 -21.94 4.32
C ILE E 67 3.04 -22.95 4.35
N GLY E 68 3.65 -23.12 5.51
CA GLY E 68 4.76 -24.05 5.68
C GLY E 68 6.08 -23.71 4.98
N GLY E 69 6.16 -22.49 4.45
CA GLY E 69 7.35 -22.08 3.72
C GLY E 69 8.43 -21.24 4.42
N LYS E 70 8.34 -21.10 5.73
CA LYS E 70 9.34 -20.32 6.47
C LYS E 70 10.74 -20.96 6.33
N PRO E 71 11.72 -20.17 5.89
CA PRO E 71 13.09 -20.68 5.71
C PRO E 71 13.76 -21.25 6.97
N ALA E 72 14.56 -22.27 6.76
CA ALA E 72 15.28 -22.91 7.86
C ALA E 72 16.48 -22.10 8.31
N SER E 73 16.97 -21.22 7.45
CA SER E 73 18.13 -20.40 7.78
C SER E 73 17.92 -18.94 7.41
N VAL E 74 18.80 -18.08 7.90
CA VAL E 74 18.72 -16.64 7.62
C VAL E 74 19.45 -16.39 6.30
N SER E 75 18.85 -15.61 5.40
CA SER E 75 19.51 -15.28 4.14
C SER E 75 18.95 -13.97 3.60
N ALA E 76 19.74 -13.26 2.81
CA ALA E 76 19.28 -11.98 2.26
C ALA E 76 18.50 -12.22 0.97
N PRO E 77 17.66 -11.26 0.58
CA PRO E 77 16.87 -11.40 -0.65
C PRO E 77 17.82 -11.71 -1.81
N ARG E 78 17.36 -12.54 -2.73
CA ARG E 78 18.19 -12.93 -3.86
C ARG E 78 18.28 -11.88 -4.96
N GLU E 79 19.48 -11.75 -5.52
CA GLU E 79 19.73 -10.81 -6.61
C GLU E 79 19.34 -11.49 -7.92
N HIS E 80 18.39 -10.91 -8.65
CA HIS E 80 17.96 -11.47 -9.93
C HIS E 80 18.65 -10.73 -11.05
N PRO E 81 19.58 -11.38 -11.75
CA PRO E 81 20.29 -10.72 -12.85
C PRO E 81 19.46 -10.48 -14.10
N PHE E 82 19.73 -9.36 -14.78
CA PHE E 82 19.03 -9.06 -16.03
C PHE E 82 19.95 -9.49 -17.18
N VAL E 83 19.38 -10.10 -18.22
CA VAL E 83 20.14 -10.41 -19.42
C VAL E 83 19.66 -9.33 -20.39
N LEU E 84 20.55 -8.44 -20.80
CA LEU E 84 20.19 -7.37 -21.72
C LEU E 84 20.05 -7.90 -23.15
N GLN E 85 19.01 -7.45 -23.84
CA GLN E 85 18.73 -7.92 -25.19
C GLN E 85 18.58 -6.80 -26.19
N SER E 86 18.52 -7.16 -27.46
CA SER E 86 18.37 -6.18 -28.52
C SER E 86 16.90 -6.11 -28.93
N VAL E 87 16.51 -4.97 -29.48
CA VAL E 87 15.14 -4.80 -29.98
C VAL E 87 15.33 -4.28 -31.40
N GLY E 88 16.26 -4.91 -32.11
CA GLY E 88 16.57 -4.50 -33.47
C GLY E 88 15.70 -5.01 -34.60
N GLY E 89 15.03 -6.13 -34.40
CA GLY E 89 14.19 -6.66 -35.47
C GLY E 89 12.87 -5.94 -35.66
N GLN E 90 12.56 -5.00 -34.76
CA GLN E 90 11.31 -4.28 -34.85
C GLN E 90 11.28 -3.00 -34.02
N THR E 91 10.15 -2.30 -34.10
CA THR E 91 9.94 -1.06 -33.36
C THR E 91 8.76 -1.36 -32.46
N LEU E 92 9.01 -1.31 -31.14
CA LEU E 92 7.97 -1.61 -30.15
C LEU E 92 7.56 -0.32 -29.45
N THR E 93 6.27 -0.04 -29.45
CA THR E 93 5.78 1.16 -28.80
C THR E 93 4.75 0.74 -27.77
N VAL E 94 4.50 1.58 -26.79
CA VAL E 94 3.51 1.25 -25.77
C VAL E 94 2.30 2.17 -25.93
N PHE E 95 1.10 1.61 -25.92
CA PHE E 95 -0.09 2.47 -25.97
C PHE E 95 -0.98 2.07 -24.82
N THR E 96 -1.63 3.05 -24.21
CA THR E 96 -2.48 2.78 -23.08
C THR E 96 -3.95 3.01 -23.43
N GLU E 97 -4.81 2.32 -22.69
CA GLU E 97 -6.26 2.47 -22.86
C GLU E 97 -6.77 2.78 -21.46
N SER E 98 -7.35 3.97 -21.28
CA SER E 98 -7.84 4.38 -19.98
C SER E 98 -9.27 3.92 -19.74
N SER E 99 -9.69 3.95 -18.48
CA SER E 99 -11.04 3.54 -18.12
C SER E 99 -12.06 4.42 -18.86
N SER E 100 -11.61 5.60 -19.30
CA SER E 100 -12.47 6.51 -20.03
C SER E 100 -12.26 6.30 -21.54
N ASP E 101 -11.71 5.15 -21.87
CA ASP E 101 -11.41 4.72 -23.24
C ASP E 101 -10.50 5.61 -24.08
N LYS E 102 -9.76 6.50 -23.43
CA LYS E 102 -8.83 7.34 -24.17
C LYS E 102 -7.63 6.46 -24.52
N LEU E 103 -7.15 6.58 -25.75
CA LEU E 103 -5.99 5.80 -26.20
C LEU E 103 -4.81 6.74 -26.41
N SER E 104 -3.65 6.37 -25.86
CA SER E 104 -2.48 7.23 -26.00
C SER E 104 -1.20 6.44 -26.28
N LEU E 105 -0.37 6.95 -27.19
CA LEU E 105 0.92 6.31 -27.47
C LEU E 105 1.85 6.96 -26.44
N GLU E 106 2.27 6.19 -25.43
CA GLU E 106 3.08 6.76 -24.35
C GLU E 106 4.59 6.69 -24.39
N GLY E 107 5.16 5.79 -25.18
CA GLY E 107 6.60 5.69 -25.25
C GLY E 107 7.07 4.66 -26.25
N ILE E 108 8.37 4.65 -26.49
CA ILE E 108 8.99 3.71 -27.41
C ILE E 108 9.89 2.83 -26.56
N VAL E 109 9.93 1.54 -26.85
CA VAL E 109 10.79 0.64 -26.10
C VAL E 109 12.24 0.85 -26.56
N VAL E 110 13.08 1.34 -25.65
CA VAL E 110 14.49 1.60 -25.99
C VAL E 110 15.45 0.57 -25.44
N GLN E 111 14.94 -0.35 -24.63
CA GLN E 111 15.78 -1.40 -24.07
C GLN E 111 14.92 -2.62 -23.73
N ARG E 112 15.40 -3.81 -24.07
CA ARG E 112 14.67 -5.02 -23.70
C ARG E 112 15.59 -5.83 -22.78
N ALA E 113 15.00 -6.54 -21.82
CA ALA E 113 15.80 -7.35 -20.90
C ALA E 113 14.93 -8.49 -20.35
N GLU E 114 15.60 -9.53 -19.86
CA GLU E 114 14.91 -10.62 -19.19
C GLU E 114 15.46 -10.67 -17.76
N CYS E 115 14.59 -10.57 -16.76
CA CYS E 115 15.01 -10.67 -15.38
C CYS E 115 15.00 -12.18 -15.15
N ARG E 116 16.17 -12.76 -14.89
CA ARG E 116 16.27 -14.20 -14.72
C ARG E 116 15.98 -14.71 -13.31
N PRO E 117 15.45 -15.93 -13.20
CA PRO E 117 15.16 -16.50 -11.89
C PRO E 117 16.47 -16.67 -11.12
N ALA E 118 16.42 -16.55 -9.80
CA ALA E 118 17.61 -16.67 -8.98
C ALA E 118 17.22 -16.83 -7.52
N GLY F 4 31.54 -12.56 -7.43
CA GLY F 4 32.01 -12.39 -6.03
C GLY F 4 33.12 -11.36 -5.88
N PRO F 5 32.86 -10.10 -6.26
CA PRO F 5 33.87 -9.04 -6.15
C PRO F 5 34.12 -8.66 -4.70
N SER F 6 35.35 -8.24 -4.40
CA SER F 6 35.69 -7.82 -3.05
C SER F 6 35.24 -6.39 -2.82
N SER F 7 35.06 -5.66 -3.92
CA SER F 7 34.60 -4.28 -3.89
C SER F 7 33.74 -4.02 -5.13
N GLN F 8 32.77 -3.12 -5.02
CA GLN F 8 31.91 -2.82 -6.14
C GLN F 8 31.06 -1.58 -5.89
N ASN F 9 30.82 -0.79 -6.93
N ASN F 9 30.93 2.11 -10.97
CA ASN F 9 30.03 0.41 -6.79
CA ASN F 9 29.86 2.93 -10.41
C ASN F 9 28.79 0.28 -7.66
C ASN F 9 28.60 2.11 -10.22
N VAL F 10 27.64 0.73 -7.14
N VAL F 10 28.10 2.06 -8.99
CA VAL F 10 26.39 0.62 -7.87
CA VAL F 10 26.89 1.30 -8.68
C VAL F 10 25.44 1.78 -7.60
C VAL F 10 25.80 2.21 -8.14
N THR F 11 24.51 1.98 -8.54
N THR F 11 24.64 2.17 -8.79
CA THR F 11 23.50 3.00 -8.39
CA THR F 11 23.51 2.98 -8.34
C THR F 11 22.24 2.15 -8.16
C THR F 11 22.32 2.07 -8.08
N GLU F 12 21.57 2.37 -7.03
CA GLU F 12 20.38 1.62 -6.69
C GLU F 12 19.16 2.49 -6.87
N TYR F 13 18.15 1.96 -7.55
CA TYR F 13 16.90 2.70 -7.78
C TYR F 13 15.68 1.98 -7.20
N VAL F 14 14.80 2.71 -6.55
CA VAL F 14 13.59 2.09 -6.01
C VAL F 14 12.69 1.66 -7.18
N VAL F 15 12.00 0.55 -7.03
CA VAL F 15 11.06 0.06 -8.04
C VAL F 15 9.68 -0.05 -7.40
N ARG F 16 8.67 0.52 -8.07
CA ARG F 16 7.28 0.45 -7.59
C ARG F 16 6.41 -0.25 -8.66
N VAL F 17 5.39 -1.01 -8.24
CA VAL F 17 4.46 -1.67 -9.16
C VAL F 17 3.10 -1.17 -8.68
N PRO F 18 2.70 0.02 -9.14
CA PRO F 18 1.42 0.67 -8.77
C PRO F 18 0.19 -0.21 -9.00
N LYS F 19 -0.69 -0.26 -8.01
CA LYS F 19 -1.90 -1.05 -8.12
C LYS F 19 -3.11 -0.17 -8.38
N ASN F 20 -3.01 1.08 -7.97
CA ASN F 20 -4.09 2.05 -8.15
C ASN F 20 -3.92 2.80 -9.47
N THR F 21 -4.14 2.09 -10.57
CA THR F 21 -4.02 2.65 -11.91
C THR F 21 -5.33 2.53 -12.68
N THR F 22 -5.62 3.51 -13.54
CA THR F 22 -6.85 3.50 -14.33
C THR F 22 -6.52 3.31 -15.82
N LYS F 23 -5.37 2.72 -16.09
CA LYS F 23 -4.92 2.51 -17.45
C LYS F 23 -4.35 1.11 -17.68
N LYS F 24 -4.54 0.57 -18.88
CA LYS F 24 -4.00 -0.75 -19.25
C LYS F 24 -2.90 -0.45 -20.26
N TYR F 25 -1.75 -1.12 -20.12
CA TYR F 25 -0.61 -0.90 -21.00
C TYR F 25 -0.49 -2.03 -22.01
N ASN F 26 -0.41 -1.68 -23.28
CA ASN F 26 -0.33 -2.63 -24.38
C ASN F 26 0.91 -2.37 -25.25
N ILE F 27 1.32 -3.39 -26.00
CA ILE F 27 2.43 -3.24 -26.91
C ILE F 27 1.88 -3.19 -28.33
N MET F 28 2.40 -2.23 -29.09
CA MET F 28 2.05 -2.04 -30.50
C MET F 28 3.39 -2.30 -31.19
N ALA F 29 3.50 -3.44 -31.88
CA ALA F 29 4.75 -3.79 -32.54
C ALA F 29 4.77 -3.68 -34.07
N PHE F 30 5.80 -3.03 -34.60
CA PHE F 30 5.95 -2.88 -36.05
C PHE F 30 7.22 -3.60 -36.52
N ASN F 31 7.12 -4.25 -37.67
CA ASN F 31 8.24 -4.97 -38.25
C ASN F 31 9.20 -3.96 -38.86
N ALA F 32 10.50 -4.15 -38.63
CA ALA F 32 11.50 -3.23 -39.16
C ALA F 32 11.39 -3.05 -40.67
N ALA F 33 11.00 -4.12 -41.36
CA ALA F 33 10.88 -4.11 -42.81
C ALA F 33 9.86 -3.10 -43.33
N ASP F 34 8.86 -2.79 -42.51
CA ASP F 34 7.84 -1.86 -42.93
C ASP F 34 8.25 -0.41 -42.67
N LYS F 35 9.41 -0.25 -42.03
CA LYS F 35 10.01 1.06 -41.73
C LYS F 35 9.04 2.15 -41.30
N VAL F 36 8.53 2.01 -40.09
CA VAL F 36 7.60 2.98 -39.54
C VAL F 36 8.38 4.11 -38.88
N ASN F 37 7.96 5.34 -39.13
CA ASN F 37 8.62 6.50 -38.53
C ASN F 37 7.55 7.42 -37.96
N PHE F 38 7.54 7.51 -36.64
CA PHE F 38 6.56 8.32 -35.92
C PHE F 38 6.62 9.82 -36.14
N ALA F 39 7.80 10.34 -36.51
CA ALA F 39 7.94 11.77 -36.75
C ALA F 39 7.04 12.22 -37.90
N THR F 40 6.79 11.32 -38.84
CA THR F 40 5.95 11.64 -39.99
C THR F 40 4.46 11.59 -39.68
N TRP F 41 4.13 11.17 -38.47
CA TRP F 41 2.72 11.08 -38.04
C TRP F 41 2.22 12.42 -37.52
N ASN F 42 1.18 12.95 -38.18
CA ASN F 42 0.59 14.21 -37.75
C ASN F 42 -0.61 13.93 -36.85
N GLN F 43 -1.35 12.89 -37.19
CA GLN F 43 -2.53 12.50 -36.42
C GLN F 43 -2.80 11.03 -36.74
N ALA F 44 -3.47 10.34 -35.83
CA ALA F 44 -3.77 8.94 -36.04
C ALA F 44 -5.03 8.54 -35.30
N ARG F 45 -5.75 7.57 -35.86
CA ARG F 45 -6.95 7.02 -35.26
C ARG F 45 -6.68 5.54 -34.99
N LEU F 46 -7.21 5.03 -33.88
CA LEU F 46 -7.02 3.62 -33.51
C LEU F 46 -8.39 3.16 -33.03
N GLU F 47 -9.02 2.28 -33.81
CA GLU F 47 -10.36 1.78 -33.51
C GLU F 47 -10.50 0.27 -33.74
N ARG F 48 -11.39 -0.37 -32.99
CA ARG F 48 -11.63 -1.80 -33.15
C ARG F 48 -12.32 -2.01 -34.49
N ASP F 49 -11.83 -2.95 -35.28
CA ASP F 49 -12.42 -3.22 -36.59
C ASP F 49 -13.52 -4.28 -36.41
N LEU F 50 -14.77 -3.87 -36.56
CA LEU F 50 -15.92 -4.73 -36.36
C LEU F 50 -16.50 -5.27 -37.65
N SER F 51 -15.71 -5.22 -38.71
CA SER F 51 -16.16 -5.69 -40.01
C SER F 51 -16.54 -7.17 -39.99
N ASN F 52 -15.75 -7.98 -39.29
CA ASN F 52 -16.04 -9.41 -39.20
C ASN F 52 -16.61 -9.78 -37.85
N LYS F 53 -17.87 -9.41 -37.64
CA LYS F 53 -18.56 -9.71 -36.39
C LYS F 53 -19.26 -11.06 -36.44
N LYS F 54 -19.74 -11.41 -37.63
CA LYS F 54 -20.48 -12.66 -37.80
C LYS F 54 -20.07 -13.53 -38.98
N ILE F 55 -19.98 -14.82 -38.73
CA ILE F 55 -19.62 -15.79 -39.76
C ILE F 55 -20.52 -17.00 -39.52
N TYR F 56 -21.00 -17.62 -40.60
CA TYR F 56 -21.84 -18.80 -40.45
C TYR F 56 -21.00 -20.01 -40.79
N GLN F 57 -21.01 -20.99 -39.90
CA GLN F 57 -20.22 -22.20 -40.09
C GLN F 57 -21.13 -23.42 -40.19
N GLU F 58 -20.87 -24.27 -41.18
CA GLU F 58 -21.67 -25.48 -41.37
C GLU F 58 -21.33 -26.46 -40.26
N GLU F 59 -22.36 -27.08 -39.70
CA GLU F 59 -22.18 -28.06 -38.63
C GLU F 59 -23.10 -29.26 -38.82
N GLU F 60 -22.58 -30.45 -38.58
CA GLU F 60 -23.39 -31.66 -38.74
C GLU F 60 -24.58 -31.60 -37.79
N MET F 61 -25.73 -32.10 -38.25
CA MET F 61 -26.94 -32.09 -37.44
C MET F 61 -26.74 -32.93 -36.18
N ARG F 72 -35.09 -45.53 -36.29
CA ARG F 72 -34.24 -44.44 -36.77
C ARG F 72 -33.70 -44.78 -38.16
N LYS F 73 -32.44 -44.46 -38.40
CA LYS F 73 -31.78 -44.73 -39.68
C LYS F 73 -30.31 -45.04 -39.45
N LEU F 74 -29.73 -45.84 -40.34
CA LEU F 74 -28.33 -46.21 -40.22
C LEU F 74 -27.44 -44.98 -40.30
N ARG F 75 -26.31 -45.01 -39.60
CA ARG F 75 -25.40 -43.87 -39.67
C ARG F 75 -25.05 -43.65 -41.14
N GLU F 76 -25.63 -42.60 -41.71
CA GLU F 76 -25.46 -42.20 -43.11
C GLU F 76 -24.27 -42.81 -43.84
N GLU F 77 -24.45 -43.11 -45.12
CA GLU F 77 -23.42 -43.73 -45.94
C GLU F 77 -22.24 -42.82 -46.34
N ALA F 78 -21.22 -42.80 -45.48
CA ALA F 78 -19.98 -42.04 -45.64
C ALA F 78 -19.88 -40.90 -46.66
N ARG F 79 -21.01 -40.31 -47.05
CA ARG F 79 -20.99 -39.23 -48.04
C ARG F 79 -22.34 -38.53 -48.08
N ARG F 80 -23.20 -38.86 -47.12
CA ARG F 80 -24.54 -38.27 -47.11
C ARG F 80 -24.99 -37.84 -45.73
N LYS F 81 -24.14 -37.06 -45.07
CA LYS F 81 -24.47 -36.54 -43.75
C LYS F 81 -25.32 -35.27 -43.85
N LYS F 82 -26.17 -35.04 -42.84
CA LYS F 82 -27.03 -33.87 -42.78
C LYS F 82 -26.32 -32.73 -42.05
N TYR F 83 -26.52 -31.51 -42.53
CA TYR F 83 -25.88 -30.34 -41.93
C TYR F 83 -26.81 -29.13 -41.78
N GLY F 84 -26.41 -28.25 -40.87
CA GLY F 84 -27.13 -27.02 -40.62
C GLY F 84 -26.04 -25.97 -40.49
N ILE F 85 -26.38 -24.77 -40.02
CA ILE F 85 -25.36 -23.74 -39.85
C ILE F 85 -25.46 -23.15 -38.44
N VAL F 86 -24.35 -22.59 -37.95
CA VAL F 86 -24.30 -21.99 -36.64
C VAL F 86 -23.64 -20.61 -36.71
N LEU F 87 -24.24 -19.65 -36.02
CA LEU F 87 -23.71 -18.29 -36.00
C LEU F 87 -22.55 -18.21 -35.01
N LYS F 88 -21.38 -17.85 -35.51
CA LYS F 88 -20.19 -17.72 -34.68
C LYS F 88 -19.84 -16.24 -34.60
N GLU F 89 -19.83 -15.70 -33.40
CA GLU F 89 -19.55 -14.27 -33.22
C GLU F 89 -18.22 -14.08 -32.51
N PHE F 90 -17.57 -12.94 -32.76
CA PHE F 90 -16.30 -12.65 -32.10
C PHE F 90 -16.56 -11.62 -31.02
N ARG F 91 -15.85 -11.75 -29.90
CA ARG F 91 -15.99 -10.79 -28.81
C ARG F 91 -15.18 -9.59 -29.32
N PRO F 92 -15.59 -8.37 -28.99
CA PRO F 92 -14.83 -7.20 -29.47
C PRO F 92 -13.36 -7.29 -29.10
N GLU F 93 -13.09 -7.92 -27.96
CA GLU F 93 -11.73 -8.05 -27.45
C GLU F 93 -10.83 -8.90 -28.34
N ASP F 94 -11.42 -9.70 -29.23
CA ASP F 94 -10.62 -10.54 -30.11
C ASP F 94 -10.60 -9.98 -31.53
N GLN F 95 -11.21 -8.80 -31.71
CA GLN F 95 -11.24 -8.18 -33.02
C GLN F 95 -9.92 -7.43 -33.24
N PRO F 96 -9.47 -7.34 -34.50
CA PRO F 96 -8.22 -6.64 -34.76
C PRO F 96 -8.41 -5.14 -34.63
N TRP F 97 -7.30 -4.44 -34.47
CA TRP F 97 -7.32 -2.98 -34.37
C TRP F 97 -7.04 -2.45 -35.76
N LEU F 98 -7.60 -1.29 -36.08
CA LEU F 98 -7.28 -0.67 -37.36
C LEU F 98 -6.63 0.65 -36.99
N LEU F 99 -5.40 0.85 -37.43
CA LEU F 99 -4.65 2.08 -37.17
C LEU F 99 -4.57 2.86 -38.48
N ARG F 100 -5.09 4.09 -38.47
CA ARG F 100 -5.07 4.94 -39.65
C ARG F 100 -4.29 6.21 -39.32
N VAL F 101 -3.20 6.41 -40.03
CA VAL F 101 -2.32 7.54 -39.82
C VAL F 101 -2.47 8.56 -40.94
N ASN F 102 -2.44 9.84 -40.57
CA ASN F 102 -2.55 10.95 -41.52
C ASN F 102 -3.73 10.99 -42.49
N GLY F 103 -4.92 10.64 -42.02
CA GLY F 103 -6.10 10.71 -42.87
C GLY F 103 -6.28 9.70 -43.99
N LYS F 104 -7.30 9.96 -44.82
CA LYS F 104 -7.66 9.09 -45.94
C LYS F 104 -6.52 8.56 -46.80
N SER F 105 -5.57 9.42 -47.15
CA SER F 105 -4.45 9.03 -48.00
C SER F 105 -3.21 8.50 -47.26
N GLY F 106 -3.25 8.54 -45.93
CA GLY F 106 -2.11 8.08 -45.15
C GLY F 106 -1.99 6.57 -45.04
N ARG F 107 -1.00 6.11 -44.28
CA ARG F 107 -0.79 4.68 -44.11
C ARG F 107 -1.82 4.07 -43.16
N LYS F 108 -2.16 2.81 -43.40
CA LYS F 108 -3.13 2.09 -42.57
C LYS F 108 -2.51 0.76 -42.17
N PHE F 109 -2.71 0.36 -40.91
CA PHE F 109 -2.13 -0.89 -40.40
C PHE F 109 -3.20 -1.67 -39.67
N LYS F 110 -3.13 -2.99 -39.75
CA LYS F 110 -4.07 -3.86 -39.05
C LYS F 110 -3.30 -4.48 -37.88
N GLY F 111 -3.88 -4.44 -36.68
CA GLY F 111 -3.21 -4.98 -35.51
C GLY F 111 -3.84 -6.26 -35.04
N ILE F 112 -3.05 -7.33 -35.02
CA ILE F 112 -3.49 -8.65 -34.61
C ILE F 112 -2.86 -9.08 -33.30
N LYS F 113 -3.68 -9.56 -32.37
CA LYS F 113 -3.20 -9.98 -31.07
C LYS F 113 -2.30 -11.20 -31.15
N LYS F 114 -1.18 -11.17 -30.43
CA LYS F 114 -0.24 -12.28 -30.41
C LYS F 114 -0.84 -13.38 -29.54
N GLY F 115 -0.89 -14.60 -30.08
CA GLY F 115 -1.44 -15.74 -29.36
C GLY F 115 -0.80 -16.05 -28.03
N GLY F 116 -1.57 -16.69 -27.14
CA GLY F 116 -1.12 -17.04 -25.82
C GLY F 116 0.26 -17.68 -25.66
N VAL F 117 0.27 -18.90 -25.15
CA VAL F 117 1.47 -19.70 -24.88
C VAL F 117 1.55 -19.99 -23.39
N THR F 118 1.46 -21.26 -23.01
CA THR F 118 1.54 -21.64 -21.59
C THR F 118 2.83 -20.96 -21.15
N GLU F 119 2.86 -20.46 -19.93
CA GLU F 119 4.07 -19.76 -19.53
C GLU F 119 4.42 -19.65 -18.05
N ASN F 120 5.70 -19.43 -17.81
CA ASN F 120 6.24 -19.27 -16.49
C ASN F 120 6.81 -17.86 -16.37
N THR F 121 6.47 -17.00 -17.33
CA THR F 121 6.93 -15.61 -17.33
C THR F 121 5.89 -14.73 -18.01
N SER F 122 6.07 -13.42 -17.87
CA SER F 122 5.18 -12.45 -18.50
C SER F 122 5.94 -11.11 -18.59
N TYR F 123 5.45 -10.20 -19.42
CA TYR F 123 6.11 -8.92 -19.63
C TYR F 123 5.60 -7.74 -18.81
N TYR F 124 6.53 -6.85 -18.47
CA TYR F 124 6.23 -5.61 -17.74
C TYR F 124 6.87 -4.44 -18.47
N ILE F 125 6.21 -3.28 -18.39
CA ILE F 125 6.77 -2.06 -18.98
C ILE F 125 7.37 -1.33 -17.77
N PHE F 126 8.64 -0.95 -17.86
CA PHE F 126 9.33 -0.21 -16.80
C PHE F 126 9.54 1.23 -17.28
N THR F 127 9.01 2.19 -16.51
CA THR F 127 9.20 3.60 -16.85
C THR F 127 10.06 4.19 -15.73
N GLN F 128 10.76 5.30 -15.98
CA GLN F 128 11.58 5.90 -14.92
C GLN F 128 11.14 7.34 -14.70
N CYS F 129 10.96 7.70 -13.43
CA CYS F 129 10.53 9.05 -13.03
C CYS F 129 11.74 9.99 -13.02
N PRO F 130 11.48 11.29 -13.01
CA PRO F 130 12.60 12.21 -12.99
C PRO F 130 13.56 12.04 -11.79
N ASP F 131 13.08 11.53 -10.66
CA ASP F 131 13.99 11.36 -9.52
C ASP F 131 14.73 10.03 -9.55
N GLY F 132 14.47 9.24 -10.58
CA GLY F 132 15.16 7.97 -10.71
C GLY F 132 14.34 6.73 -10.38
N ALA F 133 13.27 6.88 -9.62
CA ALA F 133 12.45 5.71 -9.28
C ALA F 133 11.84 5.07 -10.52
N PHE F 134 11.72 3.74 -10.53
CA PHE F 134 11.09 3.04 -11.64
C PHE F 134 9.66 2.64 -11.27
N GLU F 135 8.74 2.75 -12.23
CA GLU F 135 7.33 2.35 -12.06
C GLU F 135 7.11 1.25 -13.13
N ALA F 136 6.66 0.08 -12.69
CA ALA F 136 6.45 -1.07 -13.58
C ALA F 136 5.00 -1.43 -13.73
N PHE F 137 4.58 -1.71 -14.95
CA PHE F 137 3.19 -2.06 -15.25
C PHE F 137 3.11 -3.30 -16.11
N PRO F 138 2.16 -4.19 -15.80
CA PRO F 138 2.08 -5.39 -16.62
C PRO F 138 1.51 -5.13 -18.02
N VAL F 139 2.03 -5.84 -19.02
CA VAL F 139 1.54 -5.72 -20.37
C VAL F 139 0.20 -6.48 -20.44
N HIS F 140 -0.84 -5.78 -20.87
CA HIS F 140 -2.18 -6.36 -20.98
C HIS F 140 -2.24 -7.21 -22.25
N ASN F 141 -2.05 -6.58 -23.41
CA ASN F 141 -2.08 -7.28 -24.68
C ASN F 141 -0.88 -6.86 -25.55
N TRP F 142 -0.49 -7.73 -26.47
CA TRP F 142 0.61 -7.50 -27.39
C TRP F 142 0.04 -7.62 -28.80
N TYR F 143 0.13 -6.55 -29.60
CA TYR F 143 -0.39 -6.58 -30.95
C TYR F 143 0.68 -6.36 -32.00
N ASN F 144 0.64 -7.14 -33.07
CA ASN F 144 1.58 -6.98 -34.17
C ASN F 144 0.83 -6.21 -35.24
N PHE F 145 1.35 -5.04 -35.61
CA PHE F 145 0.72 -4.21 -36.62
C PHE F 145 1.45 -4.26 -37.94
N THR F 146 0.72 -4.56 -39.02
CA THR F 146 1.34 -4.60 -40.33
C THR F 146 0.51 -3.84 -41.35
N PRO F 147 1.15 -3.32 -42.41
CA PRO F 147 0.44 -2.56 -43.45
C PRO F 147 -0.78 -3.30 -43.99
N LEU F 148 -1.86 -2.55 -44.19
CA LEU F 148 -3.09 -3.13 -44.69
C LEU F 148 -2.88 -3.77 -46.06
N ALA F 149 -1.84 -3.32 -46.77
CA ALA F 149 -1.52 -3.84 -48.08
C ALA F 149 -1.05 -5.30 -48.04
N ARG F 150 -0.69 -5.76 -46.85
CA ARG F 150 -0.21 -7.14 -46.69
C ARG F 150 -1.36 -8.04 -46.26
N HIS F 151 -2.56 -7.48 -46.16
CA HIS F 151 -3.68 -8.28 -45.72
C HIS F 151 -4.69 -8.65 -46.79
N ARG F 152 -4.64 -9.93 -47.15
CA ARG F 152 -5.50 -10.57 -48.13
C ARG F 152 -6.26 -11.64 -47.33
N THR F 153 -7.55 -11.43 -47.13
CA THR F 153 -8.33 -12.38 -46.36
C THR F 153 -9.77 -12.51 -46.79
N LEU F 154 -10.64 -11.70 -46.18
CA LEU F 154 -12.07 -11.71 -46.45
C LEU F 154 -12.52 -12.84 -47.37
N THR F 155 -12.31 -14.05 -46.88
CA THR F 155 -12.68 -15.30 -47.55
C THR F 155 -13.24 -16.14 -46.43
N ALA F 156 -14.40 -16.76 -46.65
CA ALA F 156 -15.01 -17.58 -45.62
C ALA F 156 -14.02 -18.58 -45.04
N GLU F 157 -13.02 -18.94 -45.83
CA GLU F 157 -12.01 -19.90 -45.41
C GLU F 157 -10.78 -19.31 -44.72
N GLU F 158 -10.94 -18.13 -44.14
CA GLU F 158 -9.86 -17.46 -43.41
C GLU F 158 -10.48 -16.93 -42.13
N ALA F 159 -11.77 -16.59 -42.22
CA ALA F 159 -12.52 -16.08 -41.08
C ALA F 159 -12.80 -17.24 -40.14
N GLU F 160 -13.29 -18.35 -40.69
CA GLU F 160 -13.59 -19.54 -39.90
C GLU F 160 -12.30 -20.00 -39.23
N GLU F 161 -11.19 -19.84 -39.95
CA GLU F 161 -9.88 -20.22 -39.45
C GLU F 161 -9.50 -19.33 -38.27
N GLU F 162 -9.65 -18.03 -38.45
CA GLU F 162 -9.33 -17.05 -37.42
C GLU F 162 -10.17 -17.24 -36.17
N TRP F 163 -11.44 -17.57 -36.34
CA TRP F 163 -12.32 -17.76 -35.19
C TRP F 163 -11.80 -18.91 -34.32
N GLU F 164 -11.30 -19.95 -34.95
CA GLU F 164 -10.79 -21.11 -34.24
C GLU F 164 -9.62 -20.86 -33.29
N ARG F 165 -8.78 -19.89 -33.62
CA ARG F 165 -7.62 -19.59 -32.78
C ARG F 165 -7.91 -18.57 -31.69
N ARG F 166 -9.04 -17.88 -31.78
CA ARG F 166 -9.39 -16.88 -30.78
C ARG F 166 -10.08 -17.53 -29.59
N ASN F 167 -10.94 -18.49 -29.88
CA ASN F 167 -11.70 -19.19 -28.83
C ASN F 167 -11.14 -20.57 -28.51
N ALA G 1 -20.82 -10.24 -6.86
CA ALA G 1 -21.02 -11.45 -7.71
C ALA G 1 -22.48 -11.94 -7.66
N GLU G 2 -23.01 -12.31 -8.82
CA GLU G 2 -24.38 -12.80 -8.90
C GLU G 2 -24.38 -14.31 -8.72
N ARG G 3 -25.56 -14.88 -8.50
CA ARG G 3 -25.68 -16.32 -8.30
C ARG G 3 -25.08 -17.05 -9.51
N GLY G 4 -24.37 -18.15 -9.26
CA GLY G 4 -23.78 -18.89 -10.36
C GLY G 4 -22.39 -18.38 -10.72
N GLU G 5 -22.01 -17.25 -10.16
CA GLU G 5 -20.69 -16.68 -10.42
C GLU G 5 -19.70 -17.25 -9.39
N LEU G 6 -18.50 -17.56 -9.85
CA LEU G 6 -17.46 -18.12 -8.98
C LEU G 6 -16.43 -17.03 -8.68
N ASP G 7 -16.33 -16.63 -7.42
CA ASP G 7 -15.36 -15.60 -7.04
C ASP G 7 -13.98 -16.22 -7.17
N LEU G 8 -13.10 -15.58 -7.92
CA LEU G 8 -11.76 -16.11 -8.18
C LEU G 8 -10.60 -15.54 -7.37
N THR G 9 -10.88 -14.69 -6.39
CA THR G 9 -9.82 -14.08 -5.59
C THR G 9 -8.75 -15.06 -5.10
N GLY G 10 -9.18 -16.06 -4.33
CA GLY G 10 -8.25 -17.05 -3.79
C GLY G 10 -7.32 -17.70 -4.80
N ALA G 11 -7.82 -17.93 -6.02
CA ALA G 11 -7.00 -18.54 -7.05
C ALA G 11 -6.13 -17.46 -7.70
N LYS G 12 -6.58 -16.22 -7.62
CA LYS G 12 -5.85 -15.10 -8.20
C LYS G 12 -4.71 -14.60 -7.31
N GLN G 13 -4.89 -14.69 -5.99
CA GLN G 13 -3.87 -14.25 -5.05
C GLN G 13 -2.95 -15.43 -4.74
N ASN G 14 -3.15 -16.52 -5.47
CA ASN G 14 -2.37 -17.74 -5.33
C ASN G 14 -2.18 -18.17 -3.88
N THR G 15 -3.30 -18.26 -3.16
CA THR G 15 -3.31 -18.62 -1.75
C THR G 15 -3.13 -20.13 -1.58
N GLY G 16 -2.07 -20.55 -0.91
CA GLY G 16 -1.83 -21.98 -0.75
C GLY G 16 -2.43 -22.58 0.50
N VAL G 17 -2.88 -23.83 0.40
CA VAL G 17 -3.47 -24.57 1.53
C VAL G 17 -2.94 -26.00 1.51
N TRP G 18 -3.17 -26.74 2.60
CA TRP G 18 -2.75 -28.15 2.67
C TRP G 18 -4.01 -29.02 2.65
N LEU G 19 -3.87 -30.23 2.10
CA LEU G 19 -5.00 -31.18 2.07
C LEU G 19 -4.48 -32.31 2.98
N VAL G 20 -5.16 -32.59 4.09
CA VAL G 20 -4.67 -33.60 5.02
C VAL G 20 -5.69 -34.68 5.35
N LYS G 21 -5.26 -35.95 5.28
CA LYS G 21 -6.13 -37.09 5.63
C LYS G 21 -6.01 -37.22 7.16
N VAL G 22 -7.15 -37.25 7.86
CA VAL G 22 -7.15 -37.29 9.31
C VAL G 22 -7.93 -38.48 9.85
N PRO G 23 -7.40 -39.16 10.89
CA PRO G 23 -8.12 -40.31 11.44
C PRO G 23 -9.44 -39.85 12.04
N LYS G 24 -10.49 -40.66 11.86
CA LYS G 24 -11.79 -40.29 12.39
C LYS G 24 -11.79 -40.12 13.91
N TYR G 25 -11.09 -40.98 14.64
CA TYR G 25 -11.05 -40.82 16.09
C TYR G 25 -10.46 -39.47 16.50
N LEU G 26 -9.51 -38.96 15.74
CA LEU G 26 -8.90 -37.67 16.06
C LEU G 26 -9.80 -36.48 15.71
N SER G 27 -10.44 -36.52 14.55
CA SER G 27 -11.32 -35.41 14.17
C SER G 27 -12.52 -35.41 15.08
N GLN G 28 -12.86 -36.58 15.61
CA GLN G 28 -13.97 -36.68 16.53
C GLN G 28 -13.57 -35.95 17.81
N GLN G 29 -12.28 -36.07 18.17
CA GLN G 29 -11.78 -35.40 19.37
C GLN G 29 -11.78 -33.89 19.17
N TRP G 30 -11.48 -33.44 17.95
CA TRP G 30 -11.45 -32.01 17.65
C TRP G 30 -12.82 -31.37 17.86
N ALA G 31 -13.87 -32.08 17.50
CA ALA G 31 -15.24 -31.58 17.63
C ALA G 31 -15.61 -31.25 19.09
N LYS G 32 -14.77 -31.68 20.02
CA LYS G 32 -15.01 -31.42 21.44
C LYS G 32 -14.23 -30.19 21.91
N ALA G 33 -13.74 -29.39 20.96
CA ALA G 33 -12.97 -28.19 21.27
C ALA G 33 -13.79 -27.15 22.01
N SER G 34 -13.11 -26.22 22.67
CA SER G 34 -13.78 -25.17 23.43
C SER G 34 -13.54 -23.74 22.90
N GLY G 35 -14.60 -22.95 22.86
CA GLY G 35 -14.50 -21.57 22.42
C GLY G 35 -14.00 -21.26 21.00
N ARG G 36 -12.79 -20.72 20.92
CA ARG G 36 -12.18 -20.35 19.66
C ARG G 36 -11.89 -21.55 18.74
N GLY G 37 -11.95 -22.75 19.29
CA GLY G 37 -11.71 -23.94 18.49
C GLY G 37 -10.31 -24.54 18.57
N GLU G 38 -9.49 -24.05 19.48
CA GLU G 38 -8.14 -24.59 19.60
C GLU G 38 -8.17 -26.07 19.95
N VAL G 39 -7.39 -26.85 19.21
CA VAL G 39 -7.33 -28.29 19.45
C VAL G 39 -5.92 -28.78 19.76
N GLY G 40 -4.90 -27.98 19.43
CA GLY G 40 -3.53 -28.40 19.68
C GLY G 40 -2.47 -27.60 18.94
N LYS G 41 -1.33 -28.24 18.65
CA LYS G 41 -0.22 -27.56 18.00
C LYS G 41 0.37 -28.36 16.85
N LEU G 42 0.80 -27.64 15.81
CA LEU G 42 1.42 -28.27 14.64
C LEU G 42 2.88 -27.87 14.72
N ARG G 43 3.75 -28.85 14.64
CA ARG G 43 5.18 -28.64 14.72
C ARG G 43 5.81 -28.89 13.36
N ILE G 44 6.60 -27.93 12.87
CA ILE G 44 7.28 -28.12 11.58
C ILE G 44 8.79 -27.97 11.85
N ALA G 45 9.53 -29.06 11.68
CA ALA G 45 10.98 -29.06 11.91
C ALA G 45 11.75 -29.29 10.62
N LYS G 46 12.61 -28.32 10.26
CA LYS G 46 13.37 -28.45 9.02
C LYS G 46 14.87 -28.64 9.22
N THR G 47 15.43 -29.58 8.47
CA THR G 47 16.86 -29.85 8.50
C THR G 47 17.26 -29.95 7.04
N GLN G 48 18.56 -30.15 6.78
CA GLN G 48 19.03 -30.24 5.41
C GLN G 48 18.37 -31.36 4.61
N GLY G 49 17.58 -30.96 3.61
CA GLY G 49 16.91 -31.91 2.75
C GLY G 49 15.80 -32.71 3.40
N ARG G 50 15.27 -32.21 4.51
CA ARG G 50 14.21 -32.92 5.22
C ARG G 50 13.35 -32.01 6.11
N THR G 51 12.07 -32.38 6.22
CA THR G 51 11.13 -31.62 7.02
C THR G 51 10.26 -32.63 7.76
N GLU G 52 10.09 -32.44 9.07
CA GLU G 52 9.27 -33.33 9.87
C GLU G 52 8.09 -32.54 10.41
N VAL G 53 6.86 -33.00 10.13
CA VAL G 53 5.66 -32.31 10.59
C VAL G 53 4.85 -33.24 11.49
N SER G 54 4.29 -32.71 12.58
CA SER G 54 3.48 -33.56 13.47
C SER G 54 2.46 -32.70 14.20
N PHE G 55 1.42 -33.34 14.75
CA PHE G 55 0.38 -32.62 15.48
C PHE G 55 0.25 -33.22 16.87
N THR G 56 0.05 -32.37 17.86
CA THR G 56 -0.13 -32.84 19.24
C THR G 56 -1.36 -32.16 19.84
N LEU G 57 -2.27 -32.95 20.39
CA LEU G 57 -3.48 -32.41 21.01
C LEU G 57 -3.13 -31.60 22.26
N ASN G 58 -3.92 -30.58 22.57
CA ASN G 58 -3.65 -29.79 23.76
C ASN G 58 -4.03 -30.66 24.97
N GLU G 59 -3.56 -30.28 26.16
CA GLU G 59 -3.82 -31.04 27.37
C GLU G 59 -5.29 -31.32 27.69
N ASP G 60 -6.16 -30.35 27.40
CA ASP G 60 -7.59 -30.49 27.66
C ASP G 60 -8.26 -31.58 26.85
N LEU G 61 -8.02 -31.60 25.54
CA LEU G 61 -8.64 -32.60 24.67
C LEU G 61 -8.02 -33.98 24.85
N ALA G 62 -6.76 -34.02 25.25
CA ALA G 62 -6.09 -35.30 25.46
C ALA G 62 -6.62 -35.98 26.74
N ASN G 63 -7.08 -35.17 27.69
CA ASN G 63 -7.59 -35.71 28.95
C ASN G 63 -8.91 -36.47 28.79
N ILE G 64 -9.49 -36.40 27.60
CA ILE G 64 -10.74 -37.10 27.33
C ILE G 64 -10.40 -38.48 26.77
N HIS G 65 -10.05 -39.39 27.67
CA HIS G 65 -9.68 -40.75 27.26
C HIS G 65 -10.88 -41.67 27.09
N ASP G 66 -10.63 -42.80 26.42
CA ASP G 66 -11.68 -43.78 26.19
C ASP G 66 -11.76 -44.74 27.37
N ILE G 67 -12.74 -45.64 27.34
CA ILE G 67 -12.94 -46.61 28.41
C ILE G 67 -11.66 -47.39 28.67
N GLY G 68 -11.12 -47.28 29.88
CA GLY G 68 -9.88 -47.96 30.20
C GLY G 68 -8.74 -47.37 29.40
N GLY G 69 -8.81 -46.05 29.20
CA GLY G 69 -7.79 -45.37 28.42
C GLY G 69 -6.69 -44.67 29.21
N LYS G 70 -6.59 -44.95 30.50
CA LYS G 70 -5.56 -44.33 31.31
C LYS G 70 -4.19 -44.87 30.92
N PRO G 71 -3.31 -44.01 30.38
CA PRO G 71 -1.98 -44.48 29.98
C PRO G 71 -1.26 -45.13 31.16
N ALA G 72 -0.39 -46.10 30.86
CA ALA G 72 0.34 -46.80 31.91
C ALA G 72 1.64 -46.14 32.34
N SER G 73 1.81 -44.85 32.04
CA SER G 73 3.03 -44.15 32.41
C SER G 73 2.89 -42.63 32.37
N VAL G 74 3.71 -41.95 33.16
CA VAL G 74 3.71 -40.50 33.15
C VAL G 74 4.30 -40.18 31.79
N SER G 75 3.46 -39.73 30.87
CA SER G 75 3.92 -39.45 29.52
C SER G 75 3.35 -38.18 28.90
N ALA G 76 4.11 -37.58 28.01
CA ALA G 76 3.69 -36.37 27.32
C ALA G 76 2.65 -36.76 26.28
N PRO G 77 1.73 -35.84 25.94
CA PRO G 77 0.73 -36.20 24.93
C PRO G 77 1.49 -36.72 23.72
N ARG G 78 0.92 -37.68 23.03
CA ARG G 78 1.65 -38.23 21.90
C ARG G 78 1.47 -37.52 20.57
N GLU G 79 2.58 -37.50 19.84
CA GLU G 79 2.65 -36.84 18.56
C GLU G 79 2.11 -37.69 17.42
N HIS G 80 1.26 -37.06 16.61
CA HIS G 80 0.68 -37.72 15.45
C HIS G 80 1.54 -37.22 14.30
N PRO G 81 2.45 -38.05 13.80
CA PRO G 81 3.31 -37.64 12.69
C PRO G 81 2.55 -37.54 11.39
N PHE G 82 2.98 -36.60 10.56
CA PHE G 82 2.39 -36.40 9.25
C PHE G 82 3.31 -37.12 8.26
N VAL G 83 2.72 -37.74 7.24
CA VAL G 83 3.50 -38.38 6.20
C VAL G 83 3.24 -37.49 4.97
N LEU G 84 4.29 -36.87 4.45
CA LEU G 84 4.13 -35.99 3.30
C LEU G 84 3.95 -36.78 2.01
N GLN G 85 3.04 -36.31 1.16
CA GLN G 85 2.73 -36.96 -0.11
C GLN G 85 2.85 -35.90 -1.22
N SER G 86 3.04 -36.32 -2.47
CA SER G 86 3.16 -35.35 -3.56
C SER G 86 1.80 -34.96 -4.14
N VAL G 87 1.77 -33.86 -4.89
CA VAL G 87 0.53 -33.40 -5.52
C VAL G 87 0.22 -34.21 -6.76
N GLY G 88 0.86 -35.37 -6.89
CA GLY G 88 0.64 -36.23 -8.04
C GLY G 88 0.64 -35.47 -9.35
N GLY G 89 -0.14 -35.95 -10.31
CA GLY G 89 -0.22 -35.30 -11.61
C GLY G 89 -1.57 -34.63 -11.78
N GLN G 90 -1.82 -33.60 -10.97
CA GLN G 90 -3.08 -32.87 -11.04
C GLN G 90 -3.06 -31.57 -10.24
N THR G 91 -4.00 -30.69 -10.55
CA THR G 91 -4.13 -29.41 -9.85
C THR G 91 -5.36 -29.51 -8.97
N LEU G 92 -5.17 -29.41 -7.66
CA LEU G 92 -6.29 -29.48 -6.74
C LEU G 92 -6.57 -28.09 -6.20
N THR G 93 -7.81 -27.63 -6.36
CA THR G 93 -8.20 -26.32 -5.86
C THR G 93 -9.35 -26.48 -4.88
N VAL G 94 -9.52 -25.52 -3.99
CA VAL G 94 -10.60 -25.59 -3.01
C VAL G 94 -11.65 -24.52 -3.30
N PHE G 95 -12.92 -24.91 -3.30
CA PHE G 95 -13.96 -23.93 -3.52
C PHE G 95 -14.99 -24.12 -2.42
N THR G 96 -15.54 -23.00 -1.96
CA THR G 96 -16.55 -23.04 -0.92
C THR G 96 -17.91 -22.62 -1.42
N GLU G 97 -18.95 -23.09 -0.74
CA GLU G 97 -20.32 -22.74 -1.04
C GLU G 97 -20.87 -22.28 0.30
N SER G 98 -21.31 -21.03 0.39
CA SER G 98 -21.83 -20.50 1.64
C SER G 98 -23.32 -20.75 1.84
N SER G 99 -23.80 -20.42 3.03
CA SER G 99 -25.22 -20.60 3.35
C SER G 99 -26.06 -19.73 2.42
N SER G 100 -25.50 -18.60 2.00
CA SER G 100 -26.19 -17.69 1.10
C SER G 100 -26.01 -18.18 -0.34
N ASP G 101 -25.44 -19.38 -0.45
CA ASP G 101 -25.19 -20.03 -1.74
C ASP G 101 -24.10 -19.41 -2.61
N LYS G 102 -23.28 -18.55 -2.03
CA LYS G 102 -22.19 -17.92 -2.78
C LYS G 102 -21.02 -18.89 -2.97
N LEU G 103 -20.43 -18.87 -4.14
CA LEU G 103 -19.31 -19.76 -4.47
C LEU G 103 -18.01 -18.99 -4.66
N SER G 104 -16.93 -19.53 -4.13
CA SER G 104 -15.64 -18.86 -4.24
C SER G 104 -14.48 -19.84 -4.26
N LEU G 105 -13.47 -19.54 -5.07
CA LEU G 105 -12.26 -20.37 -5.12
C LEU G 105 -11.39 -19.80 -4.01
N GLU G 106 -11.20 -20.58 -2.96
CA GLU G 106 -10.45 -20.15 -1.78
C GLU G 106 -8.93 -20.30 -1.83
N GLY G 107 -8.43 -21.28 -2.58
CA GLY G 107 -6.99 -21.47 -2.64
C GLY G 107 -6.61 -22.69 -3.44
N ILE G 108 -5.32 -22.95 -3.51
CA ILE G 108 -4.78 -24.06 -4.27
C ILE G 108 -4.02 -24.97 -3.32
N VAL G 109 -4.19 -26.28 -3.45
CA VAL G 109 -3.47 -27.21 -2.59
C VAL G 109 -1.99 -27.23 -3.00
N VAL G 110 -1.10 -26.91 -2.05
CA VAL G 110 0.33 -26.91 -2.31
C VAL G 110 1.05 -28.06 -1.61
N GLN G 111 0.32 -28.80 -0.78
CA GLN G 111 0.91 -29.94 -0.08
C GLN G 111 -0.18 -30.89 0.38
N ARG G 112 0.07 -32.20 0.25
CA ARG G 112 -0.87 -33.20 0.74
C ARG G 112 -0.13 -33.98 1.81
N ALA G 113 -0.84 -34.48 2.82
CA ALA G 113 -0.19 -35.26 3.87
C ALA G 113 -1.24 -36.14 4.51
N GLU G 114 -0.75 -37.13 5.26
CA GLU G 114 -1.63 -38.03 5.99
C GLU G 114 -1.19 -37.97 7.45
N CYS G 115 -2.12 -37.63 8.34
CA CYS G 115 -1.86 -37.55 9.77
C CYS G 115 -2.09 -38.98 10.26
N ARG G 116 -1.04 -39.59 10.80
CA ARG G 116 -1.10 -40.98 11.27
C ARG G 116 -1.45 -41.11 12.75
N PRO G 117 -2.16 -42.20 13.12
CA PRO G 117 -2.53 -42.41 14.53
C PRO G 117 -1.26 -42.50 15.37
N ALA G 118 -1.29 -41.90 16.55
CA ALA G 118 -0.13 -41.92 17.44
C ALA G 118 0.09 -43.32 18.03
N SER H 6 20.78 -33.89 19.07
CA SER H 6 20.77 -33.39 20.48
C SER H 6 20.54 -31.88 20.52
N SER H 7 20.44 -31.28 19.33
CA SER H 7 20.19 -29.85 19.19
C SER H 7 19.29 -29.65 17.98
N GLN H 8 18.07 -29.19 18.21
CA GLN H 8 17.12 -29.00 17.12
C GLN H 8 16.17 -27.83 17.35
N ASN H 9 15.79 -27.17 16.26
N ASN H 9 15.88 -27.40 16.20
CA ASN H 9 14.88 -26.02 16.30
CA ASN H 9 15.04 -26.21 16.29
C ASN H 9 13.53 -26.46 15.72
C ASN H 9 13.64 -26.56 15.76
N VAL H 10 12.68 -25.50 15.36
N VAL H 10 12.68 -25.66 15.95
CA VAL H 10 11.37 -25.83 14.82
CA VAL H 10 11.31 -25.91 15.51
C VAL H 10 10.42 -24.64 14.95
C VAL H 10 10.43 -24.65 15.45
N THR H 11 9.23 -24.75 14.37
N THR H 11 9.33 -24.76 14.69
CA THR H 11 8.22 -23.71 14.51
CA THR H 11 8.32 -23.71 14.63
C THR H 11 6.95 -24.42 14.95
C THR H 11 7.06 -24.47 15.04
N GLU H 12 6.35 -23.96 16.04
CA GLU H 12 5.13 -24.58 16.54
C GLU H 12 3.95 -23.63 16.33
N TYR H 13 2.88 -24.12 15.71
CA TYR H 13 1.69 -23.32 15.43
C TYR H 13 0.42 -23.77 16.14
N VAL H 14 -0.36 -22.79 16.61
CA VAL H 14 -1.64 -23.13 17.23
C VAL H 14 -2.58 -23.63 16.11
N VAL H 15 -3.35 -24.66 16.39
CA VAL H 15 -4.29 -25.17 15.40
C VAL H 15 -5.72 -24.99 15.92
N ARG H 16 -6.58 -24.39 15.10
CA ARG H 16 -7.98 -24.20 15.45
C ARG H 16 -8.88 -24.94 14.48
N VAL H 17 -9.98 -25.50 14.97
CA VAL H 17 -10.94 -26.20 14.12
C VAL H 17 -12.26 -25.49 14.39
N PRO H 18 -12.53 -24.40 13.66
CA PRO H 18 -13.73 -23.59 13.80
C PRO H 18 -15.03 -24.38 13.75
N LYS H 19 -15.86 -24.18 14.77
CA LYS H 19 -17.16 -24.85 14.86
C LYS H 19 -18.23 -23.86 14.42
N ASN H 20 -17.83 -22.59 14.32
CA ASN H 20 -18.72 -21.51 13.94
C ASN H 20 -18.89 -21.31 12.44
N THR H 21 -18.35 -22.20 11.63
CA THR H 21 -18.46 -22.06 10.19
C THR H 21 -19.80 -22.47 9.57
N THR H 22 -20.15 -21.80 8.48
CA THR H 22 -21.38 -22.08 7.74
C THR H 22 -20.97 -22.58 6.36
N LYS H 23 -19.81 -22.09 5.89
CA LYS H 23 -19.28 -22.48 4.58
C LYS H 23 -18.92 -23.95 4.51
N LYS H 24 -19.10 -24.52 3.32
CA LYS H 24 -18.75 -25.92 3.08
C LYS H 24 -17.57 -25.90 2.12
N TYR H 25 -16.53 -26.66 2.44
CA TYR H 25 -15.33 -26.70 1.61
C TYR H 25 -15.30 -27.94 0.71
N ASN H 26 -15.08 -27.72 -0.59
CA ASN H 26 -15.03 -28.81 -1.56
C ASN H 26 -13.73 -28.78 -2.35
N ILE H 27 -13.36 -29.93 -2.92
CA ILE H 27 -12.17 -30.02 -3.75
C ILE H 27 -12.57 -30.04 -5.21
N MET H 28 -11.89 -29.21 -6.00
CA MET H 28 -12.10 -29.12 -7.45
C MET H 28 -10.78 -29.62 -8.06
N ALA H 29 -10.80 -30.83 -8.63
CA ALA H 29 -9.59 -31.42 -9.19
C ALA H 29 -9.46 -31.35 -10.73
N PHE H 30 -8.26 -30.98 -11.21
CA PHE H 30 -8.00 -30.90 -12.64
C PHE H 30 -6.83 -31.81 -13.04
N ASN H 31 -7.00 -32.52 -14.14
CA ASN H 31 -5.98 -33.43 -14.65
C ASN H 31 -4.84 -32.58 -15.21
N ALA H 32 -3.60 -32.98 -14.94
CA ALA H 32 -2.44 -32.23 -15.43
C ALA H 32 -2.44 -32.06 -16.95
N ALA H 33 -2.99 -33.05 -17.65
CA ALA H 33 -3.04 -33.02 -19.10
C ALA H 33 -3.87 -31.87 -19.69
N ASP H 34 -4.80 -31.33 -18.89
CA ASP H 34 -5.64 -30.25 -19.39
C ASP H 34 -5.04 -28.85 -19.22
N LYS H 35 -3.82 -28.80 -18.72
CA LYS H 35 -3.09 -27.54 -18.54
C LYS H 35 -3.95 -26.33 -18.12
N VAL H 36 -4.61 -26.43 -16.97
CA VAL H 36 -5.44 -25.33 -16.50
C VAL H 36 -4.55 -24.21 -15.96
N ASN H 37 -4.78 -23.00 -16.42
CA ASN H 37 -4.00 -21.84 -15.99
C ASN H 37 -4.96 -20.74 -15.54
N PHE H 38 -5.05 -20.55 -14.23
CA PHE H 38 -5.95 -19.54 -13.67
C PHE H 38 -5.62 -18.11 -14.09
N ALA H 39 -4.41 -17.90 -14.60
CA ALA H 39 -4.00 -16.56 -15.01
C ALA H 39 -4.80 -16.09 -16.23
N THR H 40 -5.46 -17.04 -16.90
CA THR H 40 -6.27 -16.73 -18.07
C THR H 40 -7.74 -16.59 -17.73
N TRP H 41 -8.08 -16.80 -16.46
CA TRP H 41 -9.46 -16.69 -15.98
C TRP H 41 -9.76 -15.27 -15.54
N ASN H 42 -10.68 -14.62 -16.25
CA ASN H 42 -11.07 -13.25 -15.92
C ASN H 42 -12.36 -13.30 -15.11
N GLN H 43 -13.19 -14.27 -15.45
CA GLN H 43 -14.47 -14.49 -14.79
C GLN H 43 -14.82 -15.96 -14.96
N ALA H 44 -15.71 -16.47 -14.13
CA ALA H 44 -16.12 -17.87 -14.24
C ALA H 44 -17.50 -18.13 -13.64
N ARG H 45 -18.17 -19.12 -14.21
CA ARG H 45 -19.51 -19.53 -13.78
C ARG H 45 -19.43 -20.97 -13.25
N LEU H 46 -20.14 -21.28 -12.17
CA LEU H 46 -20.12 -22.63 -11.62
C LEU H 46 -21.56 -22.98 -11.22
N GLU H 47 -22.17 -23.87 -11.97
CA GLU H 47 -23.57 -24.24 -11.74
C GLU H 47 -23.83 -25.72 -11.97
N ARG H 48 -24.85 -26.24 -11.30
CA ARG H 48 -25.22 -27.65 -11.45
C ARG H 48 -25.87 -27.86 -12.82
N ASP H 49 -25.51 -28.94 -13.48
CA ASP H 49 -26.08 -29.27 -14.79
C ASP H 49 -27.30 -30.14 -14.57
N LEU H 50 -28.47 -29.64 -14.96
CA LEU H 50 -29.71 -30.38 -14.76
C LEU H 50 -30.19 -31.20 -15.97
N SER H 51 -29.37 -31.29 -17.00
CA SER H 51 -29.74 -32.06 -18.20
C SER H 51 -30.51 -33.33 -17.84
N ASN H 52 -29.88 -34.20 -17.05
CA ASN H 52 -30.50 -35.46 -16.64
C ASN H 52 -31.38 -35.31 -15.41
N LYS H 53 -32.40 -34.46 -15.52
CA LYS H 53 -33.35 -34.22 -14.43
C LYS H 53 -34.76 -34.53 -14.90
N LYS H 54 -35.04 -34.21 -16.15
CA LYS H 54 -36.34 -34.45 -16.76
C LYS H 54 -36.44 -35.95 -17.01
N ILE H 55 -35.55 -36.70 -16.37
CA ILE H 55 -35.48 -38.15 -16.52
C ILE H 55 -36.78 -38.93 -16.36
N TYR H 56 -36.72 -40.19 -16.81
CA TYR H 56 -37.81 -41.16 -16.78
C TYR H 56 -37.10 -42.35 -17.41
N GLN H 57 -36.55 -43.23 -16.57
CA GLN H 57 -35.80 -44.38 -17.05
C GLN H 57 -36.52 -45.73 -17.03
N GLU H 58 -36.18 -46.57 -18.00
CA GLU H 58 -36.75 -47.90 -18.13
C GLU H 58 -36.48 -48.72 -16.88
N GLU H 59 -37.12 -49.88 -16.80
CA GLU H 59 -36.98 -50.78 -15.66
C GLU H 59 -37.88 -51.99 -15.79
N GLU H 60 -37.31 -53.18 -15.67
CA GLU H 60 -38.12 -54.40 -15.75
C GLU H 60 -39.03 -54.43 -14.54
N MET H 61 -40.15 -55.13 -14.66
CA MET H 61 -41.11 -55.24 -13.58
C MET H 61 -41.54 -56.69 -13.39
N ARG H 72 -49.27 -68.31 -15.16
CA ARG H 72 -47.81 -68.41 -15.23
C ARG H 72 -47.36 -69.00 -16.56
N LYS H 73 -46.17 -68.60 -17.00
CA LYS H 73 -45.61 -69.09 -18.24
C LYS H 73 -44.24 -69.67 -17.90
N LEU H 74 -43.71 -70.54 -18.76
CA LEU H 74 -42.39 -71.11 -18.49
C LEU H 74 -41.37 -69.99 -18.67
N ARG H 75 -40.39 -69.92 -17.78
CA ARG H 75 -39.38 -68.87 -17.86
C ARG H 75 -38.69 -68.81 -19.23
N GLU H 76 -38.43 -69.97 -19.82
CA GLU H 76 -37.78 -70.02 -21.13
C GLU H 76 -38.74 -69.59 -22.22
N GLU H 77 -40.02 -69.46 -21.86
CA GLU H 77 -41.06 -69.06 -22.79
C GLU H 77 -41.38 -67.58 -22.61
N ALA H 78 -40.57 -66.91 -21.80
CA ALA H 78 -40.75 -65.49 -21.53
C ALA H 78 -39.43 -64.77 -21.74
N ARG H 79 -38.79 -65.02 -22.89
CA ARG H 79 -37.53 -64.40 -23.22
C ARG H 79 -37.65 -62.87 -23.25
N ARG H 80 -38.85 -62.39 -23.51
CA ARG H 80 -39.10 -60.96 -23.56
C ARG H 80 -39.47 -60.50 -22.16
N LYS H 81 -38.86 -59.41 -21.71
CA LYS H 81 -39.12 -58.89 -20.38
C LYS H 81 -40.20 -57.81 -20.38
N LYS H 82 -40.72 -57.50 -19.19
CA LYS H 82 -41.74 -56.48 -19.03
C LYS H 82 -41.08 -55.22 -18.48
N TYR H 83 -41.23 -54.11 -19.20
CA TYR H 83 -40.63 -52.86 -18.75
C TYR H 83 -41.63 -51.76 -18.46
N GLY H 84 -41.24 -50.88 -17.56
CA GLY H 84 -42.05 -49.75 -17.18
C GLY H 84 -41.09 -48.59 -17.08
N ILE H 85 -41.51 -47.48 -16.49
CA ILE H 85 -40.63 -46.34 -16.34
C ILE H 85 -40.89 -45.64 -15.00
N VAL H 86 -39.88 -45.67 -14.13
CA VAL H 86 -40.00 -45.05 -12.82
C VAL H 86 -39.37 -43.67 -12.87
N LEU H 87 -39.91 -42.72 -12.12
CA LEU H 87 -39.34 -41.38 -12.12
C LEU H 87 -38.30 -41.31 -11.02
N LYS H 88 -37.05 -41.13 -11.42
CA LYS H 88 -35.93 -41.04 -10.50
C LYS H 88 -36.01 -39.93 -9.47
N GLU H 89 -36.19 -40.30 -8.21
CA GLU H 89 -36.24 -39.35 -7.10
C GLU H 89 -34.78 -38.99 -6.81
N PHE H 90 -34.20 -38.17 -7.68
CA PHE H 90 -32.81 -37.79 -7.53
C PHE H 90 -32.57 -36.49 -6.79
N ARG H 91 -31.33 -36.32 -6.32
CA ARG H 91 -30.94 -35.13 -5.57
C ARG H 91 -29.94 -34.27 -6.36
N PRO H 92 -30.00 -32.94 -6.17
CA PRO H 92 -29.12 -31.99 -6.86
C PRO H 92 -27.66 -32.26 -6.49
N GLU H 93 -27.48 -32.97 -5.37
CA GLU H 93 -26.18 -33.34 -4.84
C GLU H 93 -25.41 -34.21 -5.81
N ASP H 94 -26.15 -35.03 -6.55
CA ASP H 94 -25.57 -35.96 -7.51
C ASP H 94 -25.36 -35.31 -8.86
N GLN H 95 -26.09 -34.23 -9.12
CA GLN H 95 -25.96 -33.53 -10.38
C GLN H 95 -24.51 -33.10 -10.59
N PRO H 96 -24.04 -33.12 -11.84
CA PRO H 96 -22.66 -32.73 -12.14
C PRO H 96 -22.54 -31.21 -12.12
N TRP H 97 -21.32 -30.72 -11.89
CA TRP H 97 -21.08 -29.28 -11.90
C TRP H 97 -20.61 -28.92 -13.29
N LEU H 98 -20.99 -27.74 -13.77
CA LEU H 98 -20.54 -27.27 -15.06
C LEU H 98 -19.78 -25.96 -14.78
N LEU H 99 -18.47 -25.98 -15.04
CA LEU H 99 -17.62 -24.81 -14.86
C LEU H 99 -17.40 -24.16 -16.22
N ARG H 100 -17.84 -22.91 -16.37
CA ARG H 100 -17.68 -22.18 -17.63
C ARG H 100 -16.79 -20.95 -17.44
N VAL H 101 -15.63 -20.98 -18.08
CA VAL H 101 -14.65 -19.90 -17.96
C VAL H 101 -14.70 -18.89 -19.11
N ASN H 102 -14.91 -17.62 -18.75
CA ASN H 102 -14.95 -16.53 -19.72
C ASN H 102 -16.05 -16.59 -20.78
N GLY H 103 -17.25 -16.18 -20.37
CA GLY H 103 -18.39 -16.14 -21.29
C GLY H 103 -18.68 -17.31 -22.22
N LYS H 104 -19.61 -17.05 -23.13
CA LYS H 104 -20.07 -18.01 -24.12
C LYS H 104 -19.01 -18.85 -24.83
N SER H 105 -17.90 -18.24 -25.20
CA SER H 105 -16.85 -18.95 -25.94
C SER H 105 -15.60 -19.40 -25.19
N GLY H 106 -15.65 -19.42 -23.86
CA GLY H 106 -14.48 -19.83 -23.11
C GLY H 106 -14.41 -21.33 -22.85
N ARG H 107 -13.39 -21.77 -22.13
CA ARG H 107 -13.24 -23.19 -21.82
C ARG H 107 -14.38 -23.65 -20.92
N LYS H 108 -14.72 -24.93 -21.02
CA LYS H 108 -15.80 -25.50 -20.21
C LYS H 108 -15.40 -26.85 -19.64
N PHE H 109 -15.74 -27.07 -18.37
CA PHE H 109 -15.40 -28.32 -17.71
C PHE H 109 -16.62 -28.90 -17.01
N LYS H 110 -16.67 -30.23 -16.94
CA LYS H 110 -17.75 -30.91 -16.24
C LYS H 110 -17.12 -31.56 -15.02
N GLY H 111 -17.76 -31.41 -13.87
CA GLY H 111 -17.25 -31.98 -12.63
C GLY H 111 -18.12 -33.09 -12.09
N ILE H 112 -17.53 -34.27 -11.91
CA ILE H 112 -18.25 -35.43 -11.38
C ILE H 112 -17.72 -35.83 -10.01
N LYS H 113 -18.65 -36.13 -9.09
CA LYS H 113 -18.30 -36.53 -7.73
C LYS H 113 -17.38 -37.75 -7.68
N LYS H 114 -16.35 -37.67 -6.86
CA LYS H 114 -15.39 -38.76 -6.69
C LYS H 114 -15.94 -39.84 -5.78
N GLY H 115 -15.49 -41.07 -5.97
CA GLY H 115 -15.95 -42.16 -5.14
C GLY H 115 -15.73 -41.87 -3.67
N GLY H 116 -14.74 -41.04 -3.36
CA GLY H 116 -14.46 -40.71 -1.97
C GLY H 116 -14.05 -41.91 -1.16
N VAL H 117 -13.93 -41.75 0.16
CA VAL H 117 -13.51 -42.84 1.04
C VAL H 117 -14.22 -42.79 2.40
N THR H 118 -15.18 -43.69 2.60
CA THR H 118 -15.91 -43.75 3.86
C THR H 118 -15.40 -44.93 4.69
N GLU H 119 -14.60 -44.65 5.71
CA GLU H 119 -14.07 -45.72 6.56
C GLU H 119 -13.58 -45.25 7.92
N ASN H 120 -12.27 -45.05 8.04
CA ASN H 120 -11.70 -44.60 9.30
C ASN H 120 -10.97 -43.25 9.20
N THR H 121 -11.08 -42.61 8.03
CA THR H 121 -10.43 -41.33 7.81
C THR H 121 -11.25 -40.43 6.91
N SER H 122 -10.93 -39.15 6.91
CA SER H 122 -11.61 -38.18 6.07
C SER H 122 -10.62 -37.05 5.83
N TYR H 123 -10.91 -36.19 4.86
CA TYR H 123 -10.00 -35.09 4.54
C TYR H 123 -10.34 -33.74 5.14
N TYR H 124 -9.29 -32.97 5.45
CA TYR H 124 -9.46 -31.61 5.98
C TYR H 124 -8.58 -30.66 5.19
N ILE H 125 -9.01 -29.41 5.07
CA ILE H 125 -8.20 -28.39 4.39
C ILE H 125 -7.58 -27.60 5.54
N PHE H 126 -6.25 -27.45 5.54
CA PHE H 126 -5.57 -26.64 6.56
C PHE H 126 -5.17 -25.34 5.91
N THR H 127 -5.52 -24.22 6.55
CA THR H 127 -5.20 -22.89 6.04
C THR H 127 -4.36 -22.20 7.10
N GLN H 128 -3.66 -21.14 6.73
CA GLN H 128 -2.86 -20.39 7.68
C GLN H 128 -3.43 -18.97 7.79
N CYS H 129 -3.57 -18.49 9.02
CA CYS H 129 -4.12 -17.15 9.32
C CYS H 129 -3.09 -16.09 9.68
N PRO H 130 -3.48 -14.81 9.59
CA PRO H 130 -2.60 -13.68 9.91
C PRO H 130 -2.12 -13.68 11.36
N ASP H 131 -2.99 -14.08 12.29
CA ASP H 131 -2.60 -14.11 13.69
C ASP H 131 -1.59 -15.22 13.96
N GLY H 132 -1.22 -15.96 12.92
CA GLY H 132 -0.23 -17.02 13.05
C GLY H 132 -0.71 -18.46 13.11
N ALA H 133 -1.97 -18.67 13.44
CA ALA H 133 -2.50 -20.02 13.56
C ALA H 133 -2.96 -20.67 12.26
N PHE H 134 -3.12 -21.99 12.32
CA PHE H 134 -3.63 -22.78 11.22
C PHE H 134 -5.10 -23.03 11.54
N GLU H 135 -5.96 -23.05 10.53
CA GLU H 135 -7.39 -23.35 10.73
C GLU H 135 -7.74 -24.52 9.80
N ALA H 136 -8.40 -25.54 10.34
CA ALA H 136 -8.74 -26.70 9.53
C ALA H 136 -10.25 -26.83 9.37
N PHE H 137 -10.67 -27.29 8.19
CA PHE H 137 -12.07 -27.47 7.89
C PHE H 137 -12.27 -28.78 7.15
N PRO H 138 -13.37 -29.50 7.45
CA PRO H 138 -13.56 -30.77 6.74
C PRO H 138 -13.94 -30.60 5.27
N VAL H 139 -13.49 -31.53 4.43
CA VAL H 139 -13.84 -31.50 3.01
C VAL H 139 -15.24 -32.11 2.87
N HIS H 140 -16.14 -31.37 2.25
CA HIS H 140 -17.51 -31.81 2.04
C HIS H 140 -17.52 -32.86 0.92
N ASN H 141 -17.23 -32.42 -0.29
CA ASN H 141 -17.20 -33.31 -1.45
C ASN H 141 -15.95 -33.06 -2.29
N TRP H 142 -15.63 -34.03 -3.13
CA TRP H 142 -14.47 -33.98 -4.00
C TRP H 142 -14.95 -34.21 -5.43
N TYR H 143 -14.63 -33.28 -6.32
CA TYR H 143 -15.06 -33.39 -7.72
C TYR H 143 -13.90 -33.36 -8.71
N ASN H 144 -13.97 -34.23 -9.71
CA ASN H 144 -12.97 -34.28 -10.75
C ASN H 144 -13.53 -33.50 -11.94
N PHE H 145 -12.81 -32.48 -12.39
CA PHE H 145 -13.25 -31.67 -13.53
C PHE H 145 -12.41 -31.95 -14.78
N THR H 146 -13.10 -32.15 -15.90
CA THR H 146 -12.43 -32.41 -17.17
C THR H 146 -13.20 -31.68 -18.26
N PRO H 147 -12.51 -31.24 -19.34
CA PRO H 147 -13.14 -30.52 -20.43
C PRO H 147 -14.45 -31.17 -20.89
N LEU H 148 -15.43 -30.33 -21.19
CA LEU H 148 -16.74 -30.80 -21.63
C LEU H 148 -16.67 -31.65 -22.88
N ALA H 149 -15.71 -31.35 -23.75
CA ALA H 149 -15.55 -32.10 -24.99
C ALA H 149 -15.26 -33.58 -24.77
N ARG H 150 -14.82 -33.92 -23.56
CA ARG H 150 -14.51 -35.33 -23.26
C ARG H 150 -15.73 -36.10 -22.80
N HIS H 151 -16.84 -35.40 -22.61
CA HIS H 151 -18.09 -36.05 -22.18
C HIS H 151 -19.08 -36.08 -23.34
N ARG H 152 -19.18 -37.22 -24.02
CA ARG H 152 -20.10 -37.34 -25.13
C ARG H 152 -21.54 -37.40 -24.62
#